data_9FNL
#
_entry.id   9FNL
#
_cell.length_a   55.169
_cell.length_b   76.283
_cell.length_c   77.766
_cell.angle_alpha   91.115
_cell.angle_beta   110.658
_cell.angle_gamma   99.461
#
_symmetry.space_group_name_H-M   'P 1'
#
loop_
_entity.id
_entity.type
_entity.pdbx_description
1 polymer 'Anti-sigma-I factor RsgI5'
2 branched alpha-L-arabinofuranose-(1-3)-beta-D-xylopyranose-(1-4)-beta-D-xylopyranose
3 non-polymer 'CHLORIDE ION'
4 non-polymer GLYCEROL
5 water water
#
_entity_poly.entity_id   1
_entity_poly.type   'polypeptide(L)'
_entity_poly.pdbx_seq_one_letter_code
;MKFESSNYRGYYIRVKSFSGRIDPYVNPVEDSMFKIVPGLADPSCISFESKTYPGYYLKHENFRVILKKYEDTDLFREDA
TFRVVPGWADENMISFQSYNYPYRYIRHRDFELYIENIKTDLDRKDATFIGIKVD
;
_entity_poly.pdbx_strand_id   A,B,C,D,E,F
#
# COMPACT_ATOMS: atom_id res chain seq x y z
N MET A 1 -16.14 -7.31 7.11
CA MET A 1 -16.06 -6.79 8.46
C MET A 1 -17.33 -6.10 8.91
N LYS A 2 -17.54 -6.10 10.22
CA LYS A 2 -18.52 -5.27 10.89
C LYS A 2 -17.77 -4.31 11.80
N PHE A 3 -18.47 -3.26 12.24
CA PHE A 3 -17.86 -2.23 13.07
C PHE A 3 -18.80 -1.86 14.21
N GLU A 4 -18.35 -2.09 15.44
CA GLU A 4 -19.16 -1.87 16.63
C GLU A 4 -18.82 -0.52 17.24
N SER A 5 -19.84 0.18 17.71
CA SER A 5 -19.63 1.41 18.44
C SER A 5 -18.99 1.12 19.79
N SER A 6 -17.96 1.89 20.12
CA SER A 6 -17.28 1.74 21.41
C SER A 6 -18.09 2.29 22.58
N ASN A 7 -18.88 3.36 22.38
CA ASN A 7 -19.69 3.86 23.49
C ASN A 7 -21.13 3.34 23.48
N TYR A 8 -21.59 2.73 22.39
CA TYR A 8 -22.83 1.97 22.38
C TYR A 8 -22.51 0.53 22.01
N ARG A 9 -21.91 -0.21 22.95
CA ARG A 9 -21.56 -1.59 22.68
C ARG A 9 -22.81 -2.37 22.29
N GLY A 10 -22.65 -3.31 21.36
CA GLY A 10 -23.78 -4.00 20.78
C GLY A 10 -24.45 -3.28 19.63
N TYR A 11 -24.03 -2.06 19.29
CA TYR A 11 -24.56 -1.32 18.15
C TYR A 11 -23.53 -1.33 17.02
N TYR A 12 -23.99 -1.53 15.80
CA TYR A 12 -23.08 -1.72 14.68
C TYR A 12 -23.40 -0.73 13.57
N ILE A 13 -22.35 -0.32 12.85
CA ILE A 13 -22.58 0.45 11.64
C ILE A 13 -23.43 -0.38 10.70
N ARG A 14 -24.49 0.20 10.17
CA ARG A 14 -25.27 -0.52 9.17
C ARG A 14 -25.86 0.46 8.16
N VAL A 15 -26.27 -0.09 7.03
CA VAL A 15 -26.96 0.65 5.99
C VAL A 15 -28.45 0.35 6.10
N LYS A 16 -29.27 1.40 6.11
CA LYS A 16 -30.71 1.26 6.03
C LYS A 16 -31.22 2.33 5.07
N SER A 17 -31.99 1.91 4.06
CA SER A 17 -32.51 2.84 3.07
C SER A 17 -31.39 3.73 2.53
N PHE A 18 -30.22 3.12 2.31
CA PHE A 18 -29.07 3.74 1.67
C PHE A 18 -28.45 4.86 2.50
N SER A 19 -28.76 4.93 3.79
CA SER A 19 -28.09 5.84 4.72
C SER A 19 -27.37 5.05 5.81
N GLY A 20 -26.23 5.58 6.26
CA GLY A 20 -25.49 4.94 7.33
C GLY A 20 -26.03 5.34 8.68
N ARG A 21 -26.09 4.35 9.59
CA ARG A 21 -26.47 4.58 10.98
C ARG A 21 -25.82 3.48 11.81
N ILE A 22 -26.01 3.55 13.14
CA ILE A 22 -25.66 2.44 14.02
C ILE A 22 -26.93 1.92 14.67
N ASP A 23 -27.02 0.59 14.82
CA ASP A 23 -28.20 -0.08 15.37
C ASP A 23 -27.79 -1.34 16.11
N PRO A 24 -28.52 -1.71 17.17
CA PRO A 24 -28.38 -3.06 17.73
C PRO A 24 -29.24 -4.04 16.93
N TYR A 25 -29.00 -5.33 17.17
CA TYR A 25 -29.80 -6.42 16.57
C TYR A 25 -30.10 -6.15 15.10
N VAL A 26 -29.02 -5.89 14.35
CA VAL A 26 -29.17 -5.43 12.98
C VAL A 26 -29.89 -6.48 12.16
N ASN A 27 -30.98 -6.08 11.51
CA ASN A 27 -31.79 -7.02 10.75
C ASN A 27 -32.16 -6.41 9.40
N PRO A 28 -31.74 -7.03 8.27
CA PRO A 28 -30.91 -8.25 8.22
C PRO A 28 -29.46 -7.98 8.58
N VAL A 29 -28.77 -8.99 9.11
CA VAL A 29 -27.44 -8.78 9.67
C VAL A 29 -26.44 -8.40 8.58
N GLU A 30 -26.70 -8.82 7.34
CA GLU A 30 -25.84 -8.43 6.22
C GLU A 30 -25.78 -6.91 6.04
N ASP A 31 -26.76 -6.16 6.55
CA ASP A 31 -26.72 -4.70 6.46
C ASP A 31 -25.54 -4.11 7.22
N SER A 32 -24.98 -4.85 8.18
CA SER A 32 -23.81 -4.40 8.94
C SER A 32 -22.50 -4.99 8.43
N MET A 33 -22.51 -5.71 7.32
CA MET A 33 -21.30 -6.34 6.80
C MET A 33 -20.76 -5.57 5.59
N PHE A 34 -19.44 -5.38 5.58
CA PHE A 34 -18.75 -4.68 4.50
C PHE A 34 -17.55 -5.48 4.03
N LYS A 35 -17.27 -5.36 2.74
CA LYS A 35 -16.03 -5.83 2.18
C LYS A 35 -15.06 -4.65 2.18
N ILE A 36 -13.94 -4.80 2.90
CA ILE A 36 -12.97 -3.73 3.02
C ILE A 36 -11.99 -3.85 1.87
N VAL A 37 -11.87 -2.80 1.08
CA VAL A 37 -11.02 -2.83 -0.11
C VAL A 37 -10.03 -1.68 0.00
N PRO A 38 -8.95 -1.71 -0.77
CA PRO A 38 -8.04 -0.55 -0.82
C PRO A 38 -8.81 0.71 -1.18
N GLY A 39 -8.49 1.82 -0.51
CA GLY A 39 -9.23 3.05 -0.69
C GLY A 39 -9.32 3.45 -2.14
N LEU A 40 -10.52 3.84 -2.61
CA LEU A 40 -10.69 4.15 -4.03
C LEU A 40 -9.80 5.30 -4.50
N ALA A 41 -9.50 6.25 -3.62
CA ALA A 41 -8.67 7.40 -3.98
C ALA A 41 -7.22 7.25 -3.54
N ASP A 42 -6.91 6.23 -2.72
CA ASP A 42 -5.62 6.07 -2.07
C ASP A 42 -5.55 4.66 -1.49
N PRO A 43 -4.70 3.79 -2.03
CA PRO A 43 -4.69 2.39 -1.58
C PRO A 43 -4.16 2.19 -0.17
N SER A 44 -3.48 3.18 0.40
CA SER A 44 -3.10 3.07 1.81
C SER A 44 -4.30 3.26 2.73
N CYS A 45 -5.38 3.85 2.23
CA CYS A 45 -6.63 3.99 2.96
C CYS A 45 -7.56 2.82 2.63
N ILE A 46 -8.80 2.87 3.13
CA ILE A 46 -9.80 1.84 2.86
C ILE A 46 -11.05 2.48 2.27
N SER A 47 -11.86 1.65 1.64
CA SER A 47 -13.24 1.95 1.31
C SER A 47 -14.10 0.79 1.78
N PHE A 48 -15.35 1.10 2.13
CA PHE A 48 -16.32 0.13 2.62
C PHE A 48 -17.25 -0.24 1.47
N GLU A 49 -17.14 -1.47 0.96
CA GLU A 49 -18.05 -1.91 -0.09
C GLU A 49 -19.19 -2.70 0.56
N SER A 50 -20.41 -2.40 0.15
CA SER A 50 -21.56 -3.10 0.69
C SER A 50 -21.48 -4.60 0.37
N LYS A 51 -21.84 -5.43 1.35
CA LYS A 51 -21.93 -6.86 1.05
C LYS A 51 -23.19 -7.18 0.26
N THR A 52 -24.33 -6.59 0.64
CA THR A 52 -25.57 -6.95 -0.03
C THR A 52 -25.75 -6.23 -1.36
N TYR A 53 -25.07 -5.11 -1.59
CA TYR A 53 -25.11 -4.40 -2.87
C TYR A 53 -23.68 -4.23 -3.39
N PRO A 54 -23.13 -5.26 -4.04
CA PRO A 54 -21.78 -5.13 -4.60
C PRO A 54 -21.68 -3.92 -5.52
N GLY A 55 -20.53 -3.27 -5.49
CA GLY A 55 -20.32 -2.07 -6.28
C GLY A 55 -20.88 -0.80 -5.68
N TYR A 56 -21.56 -0.88 -4.54
CA TYR A 56 -21.97 0.27 -3.75
C TYR A 56 -21.02 0.46 -2.57
N TYR A 57 -20.76 1.74 -2.22
CA TYR A 57 -19.77 2.09 -1.21
C TYR A 57 -20.35 3.07 -0.19
N LEU A 58 -19.89 2.96 1.05
CA LEU A 58 -20.11 4.06 1.99
C LEU A 58 -19.37 5.28 1.50
N LYS A 59 -20.03 6.43 1.56
CA LYS A 59 -19.39 7.67 1.12
C LYS A 59 -20.13 8.84 1.73
N HIS A 60 -19.40 9.94 1.97
CA HIS A 60 -20.09 11.09 2.54
C HIS A 60 -20.61 11.99 1.44
N GLU A 61 -21.72 12.67 1.75
CA GLU A 61 -22.42 13.58 0.85
C GLU A 61 -23.14 14.57 1.75
N ASN A 62 -22.81 15.86 1.59
CA ASN A 62 -23.23 16.90 2.51
C ASN A 62 -22.95 16.50 3.96
N PHE A 63 -21.82 15.82 4.14
CA PHE A 63 -21.25 15.37 5.41
C PHE A 63 -22.06 14.28 6.09
N ARG A 64 -23.07 13.73 5.43
CA ARG A 64 -23.75 12.53 5.91
C ARG A 64 -23.16 11.30 5.22
N VAL A 65 -23.04 10.21 5.96
CA VAL A 65 -22.52 8.96 5.40
C VAL A 65 -23.69 8.19 4.82
N ILE A 66 -23.63 7.93 3.51
CA ILE A 66 -24.69 7.25 2.79
C ILE A 66 -24.04 6.09 2.05
N LEU A 67 -24.90 5.24 1.47
CA LEU A 67 -24.46 4.20 0.57
C LEU A 67 -24.83 4.61 -0.85
N LYS A 68 -23.90 4.44 -1.79
CA LYS A 68 -24.10 4.95 -3.13
C LYS A 68 -23.33 4.08 -4.11
N LYS A 69 -23.95 3.81 -5.26
CA LYS A 69 -23.30 3.03 -6.30
C LYS A 69 -22.09 3.77 -6.84
N TYR A 70 -21.02 3.03 -7.07
CA TYR A 70 -19.77 3.61 -7.57
C TYR A 70 -20.02 4.49 -8.79
N GLU A 71 -19.42 5.68 -8.78
CA GLU A 71 -19.35 6.56 -9.93
C GLU A 71 -17.89 6.81 -10.28
N ASP A 72 -17.58 6.82 -11.57
CA ASP A 72 -16.21 7.00 -12.05
C ASP A 72 -15.84 8.48 -12.05
N THR A 73 -15.71 9.03 -10.84
CA THR A 73 -15.24 10.41 -10.66
C THR A 73 -14.29 10.46 -9.48
N ASP A 74 -13.35 11.42 -9.54
CA ASP A 74 -12.42 11.59 -8.42
C ASP A 74 -13.17 11.94 -7.15
N LEU A 75 -14.20 12.79 -7.25
CA LEU A 75 -14.91 13.21 -6.06
C LEU A 75 -15.64 12.05 -5.39
N PHE A 76 -16.27 11.18 -6.18
CA PHE A 76 -16.88 9.99 -5.57
C PHE A 76 -15.82 9.16 -4.86
N ARG A 77 -14.71 8.85 -5.56
CA ARG A 77 -13.67 8.03 -4.96
C ARG A 77 -13.12 8.68 -3.69
N GLU A 78 -12.96 10.01 -3.71
CA GLU A 78 -12.43 10.71 -2.55
C GLU A 78 -13.43 10.72 -1.40
N ASP A 79 -14.72 10.89 -1.71
CA ASP A 79 -15.80 10.81 -0.72
C ASP A 79 -15.95 9.42 -0.12
N ALA A 80 -15.36 8.40 -0.76
CA ALA A 80 -15.54 7.00 -0.38
C ALA A 80 -14.30 6.41 0.25
N THR A 81 -13.30 7.24 0.52
CA THR A 81 -11.99 6.78 1.00
C THR A 81 -11.76 7.28 2.41
N PHE A 82 -11.30 6.39 3.28
CA PHE A 82 -11.13 6.73 4.69
C PHE A 82 -9.83 6.12 5.20
N ARG A 83 -9.13 6.87 6.03
CA ARG A 83 -7.90 6.39 6.63
C ARG A 83 -8.21 5.85 8.02
N VAL A 84 -7.78 4.63 8.29
CA VAL A 84 -7.94 4.06 9.62
C VAL A 84 -6.82 4.56 10.51
N VAL A 85 -7.19 5.15 11.65
CA VAL A 85 -6.25 5.72 12.61
C VAL A 85 -6.56 5.13 13.97
N PRO A 86 -5.64 5.25 14.94
CA PRO A 86 -5.97 4.85 16.31
C PRO A 86 -7.23 5.57 16.79
N GLY A 87 -8.06 4.83 17.53
CA GLY A 87 -9.33 5.39 17.96
C GLY A 87 -9.15 6.65 18.79
N TRP A 88 -9.98 7.66 18.50
CA TRP A 88 -9.95 8.94 19.21
C TRP A 88 -10.07 8.76 20.71
N ALA A 89 -11.00 7.90 21.15
CA ALA A 89 -11.30 7.71 22.55
C ALA A 89 -10.55 6.52 23.16
N ASP A 90 -9.86 5.73 22.33
CA ASP A 90 -9.16 4.54 22.80
C ASP A 90 -8.22 4.13 21.68
N GLU A 91 -6.91 4.27 21.91
CA GLU A 91 -5.93 3.96 20.88
C GLU A 91 -5.93 2.49 20.49
N ASN A 92 -6.48 1.60 21.32
CA ASN A 92 -6.58 0.19 20.95
C ASN A 92 -7.78 -0.09 20.04
N MET A 93 -8.59 0.91 19.76
CA MET A 93 -9.72 0.83 18.86
C MET A 93 -9.40 1.69 17.64
N ILE A 94 -10.39 1.93 16.78
CA ILE A 94 -10.10 2.61 15.53
C ILE A 94 -11.09 3.75 15.28
N SER A 95 -10.65 4.68 14.44
CA SER A 95 -11.47 5.77 13.93
C SER A 95 -11.16 5.93 12.45
N PHE A 96 -12.05 6.60 11.73
CA PHE A 96 -11.97 6.66 10.27
C PHE A 96 -11.87 8.11 9.83
N GLN A 97 -10.71 8.50 9.33
CA GLN A 97 -10.46 9.86 8.89
C GLN A 97 -10.83 10.02 7.41
N SER A 98 -11.63 11.04 7.11
CA SER A 98 -12.02 11.27 5.73
C SER A 98 -10.81 11.68 4.89
N TYR A 99 -10.71 11.10 3.70
CA TYR A 99 -9.55 11.39 2.85
C TYR A 99 -9.53 12.84 2.40
N ASN A 100 -10.66 13.37 1.94
CA ASN A 100 -10.69 14.73 1.40
C ASN A 100 -11.11 15.78 2.42
N TYR A 101 -11.55 15.38 3.61
CA TYR A 101 -11.77 16.31 4.74
C TYR A 101 -10.99 15.76 5.93
N PRO A 102 -9.67 15.95 5.94
CA PRO A 102 -8.82 15.23 6.91
C PRO A 102 -9.06 15.63 8.38
N TYR A 103 -9.89 16.63 8.65
CA TYR A 103 -10.23 16.97 10.03
C TYR A 103 -11.62 16.48 10.40
N ARG A 104 -12.27 15.73 9.52
CA ARG A 104 -13.57 15.14 9.79
C ARG A 104 -13.45 13.63 9.83
N TYR A 105 -14.20 13.01 10.74
CA TYR A 105 -14.14 11.59 11.02
C TYR A 105 -15.56 11.03 11.05
N ILE A 106 -15.68 9.75 10.72
CA ILE A 106 -16.99 9.10 10.83
C ILE A 106 -17.40 9.06 12.29
N ARG A 107 -18.61 9.52 12.58
CA ARG A 107 -19.12 9.48 13.95
C ARG A 107 -20.63 9.31 13.89
N HIS A 108 -21.19 8.76 14.96
CA HIS A 108 -22.64 8.69 15.06
C HIS A 108 -23.16 9.84 15.91
N ARG A 109 -24.39 10.27 15.61
CA ARG A 109 -25.02 11.39 16.30
C ARG A 109 -26.51 11.22 16.14
N ASP A 110 -27.22 11.05 17.26
CA ASP A 110 -28.59 10.54 17.24
C ASP A 110 -28.67 9.29 16.35
N PHE A 111 -27.62 8.46 16.44
CA PHE A 111 -27.50 7.14 15.83
C PHE A 111 -27.34 7.17 14.31
N GLU A 112 -27.20 8.34 13.69
CA GLU A 112 -26.92 8.44 12.27
C GLU A 112 -25.45 8.79 12.06
N LEU A 113 -24.92 8.43 10.90
CA LEU A 113 -23.49 8.56 10.66
C LEU A 113 -23.18 9.81 9.84
N TYR A 114 -22.22 10.58 10.32
CA TYR A 114 -21.73 11.79 9.68
C TYR A 114 -20.21 11.73 9.65
N ILE A 115 -19.59 12.62 8.87
CA ILE A 115 -18.18 12.96 9.07
C ILE A 115 -18.14 14.37 9.65
N GLU A 116 -17.57 14.50 10.84
CA GLU A 116 -17.60 15.76 11.57
C GLU A 116 -16.30 15.95 12.31
N ASN A 117 -16.02 17.22 12.65
CA ASN A 117 -14.86 17.56 13.49
C ASN A 117 -15.02 16.92 14.86
N ILE A 118 -13.91 16.50 15.44
CA ILE A 118 -13.92 15.75 16.69
C ILE A 118 -13.23 16.64 17.73
N LYS A 119 -14.02 17.32 18.57
CA LYS A 119 -13.44 18.26 19.52
C LYS A 119 -13.67 17.89 20.98
N THR A 120 -14.80 17.26 21.32
CA THR A 120 -15.11 16.95 22.70
C THR A 120 -14.94 15.47 23.01
N ASP A 121 -14.99 15.17 24.31
CA ASP A 121 -14.90 13.79 24.77
C ASP A 121 -16.04 12.95 24.21
N LEU A 122 -17.24 13.54 24.07
CA LEU A 122 -18.35 12.80 23.48
C LEU A 122 -18.15 12.57 21.98
N ASP A 123 -17.63 13.60 21.28
CA ASP A 123 -17.26 13.43 19.87
C ASP A 123 -16.27 12.29 19.70
N ARG A 124 -15.24 12.23 20.55
CA ARG A 124 -14.23 11.20 20.43
C ARG A 124 -14.85 9.81 20.61
N LYS A 125 -15.74 9.65 21.58
CA LYS A 125 -16.40 8.36 21.79
C LYS A 125 -17.28 7.99 20.62
N ASP A 126 -18.02 8.96 20.08
CA ASP A 126 -18.88 8.77 18.91
C ASP A 126 -18.09 8.42 17.66
N ALA A 127 -16.78 8.70 17.64
CA ALA A 127 -15.93 8.44 16.48
C ALA A 127 -15.05 7.20 16.65
N THR A 128 -15.23 6.43 17.72
CA THR A 128 -14.35 5.30 18.03
C THR A 128 -15.12 3.99 17.87
N PHE A 129 -14.55 3.09 17.06
CA PHE A 129 -15.21 1.86 16.69
C PHE A 129 -14.29 0.67 16.90
N ILE A 130 -14.90 -0.51 16.91
CA ILE A 130 -14.23 -1.81 17.08
C ILE A 130 -14.41 -2.59 15.77
N GLY A 131 -13.30 -2.98 15.14
CA GLY A 131 -13.40 -3.76 13.90
C GLY A 131 -13.55 -5.24 14.22
N ILE A 132 -14.51 -5.89 13.54
CA ILE A 132 -14.80 -7.30 13.78
C ILE A 132 -14.74 -8.03 12.44
N LYS A 133 -13.91 -9.07 12.37
CA LYS A 133 -13.86 -9.91 11.18
C LYS A 133 -14.97 -10.95 11.24
N VAL A 134 -15.74 -11.06 10.15
CA VAL A 134 -16.78 -12.07 10.03
C VAL A 134 -16.43 -13.10 8.96
N MET B 1 -2.37 -23.24 -11.63
CA MET B 1 -1.65 -22.58 -10.55
C MET B 1 -0.58 -23.47 -10.01
N LYS B 2 0.52 -22.84 -9.64
CA LYS B 2 1.58 -23.47 -8.86
C LYS B 2 1.68 -22.72 -7.54
N PHE B 3 2.28 -23.36 -6.55
CA PHE B 3 2.34 -22.77 -5.22
C PHE B 3 3.75 -22.91 -4.68
N GLU B 4 4.36 -21.78 -4.39
CA GLU B 4 5.73 -21.69 -3.94
C GLU B 4 5.75 -21.57 -2.42
N SER B 5 6.65 -22.31 -1.79
CA SER B 5 6.86 -22.17 -0.36
C SER B 5 7.39 -20.77 -0.07
N SER B 6 6.84 -20.12 0.95
CA SER B 6 7.32 -18.79 1.31
C SER B 6 8.67 -18.85 2.01
N ASN B 7 8.95 -19.91 2.78
CA ASN B 7 10.25 -20.01 3.44
C ASN B 7 11.28 -20.78 2.62
N TYR B 8 10.85 -21.58 1.64
CA TYR B 8 11.75 -22.24 0.70
C TYR B 8 11.41 -21.72 -0.69
N ARG B 9 11.86 -20.51 -0.97
CA ARG B 9 11.61 -19.93 -2.28
C ARG B 9 12.25 -20.79 -3.35
N GLY B 10 11.59 -20.89 -4.50
CA GLY B 10 11.98 -21.84 -5.52
C GLY B 10 11.55 -23.27 -5.26
N TYR B 11 10.99 -23.59 -4.09
CA TYR B 11 10.38 -24.89 -3.85
C TYR B 11 8.88 -24.78 -4.06
N TYR B 12 8.33 -25.73 -4.80
CA TYR B 12 6.94 -25.71 -5.19
C TYR B 12 6.24 -26.97 -4.71
N ILE B 13 4.95 -26.81 -4.38
CA ILE B 13 4.10 -27.97 -4.15
C ILE B 13 4.09 -28.82 -5.40
N ARG B 14 4.37 -30.12 -5.25
CA ARG B 14 4.38 -31.01 -6.40
C ARG B 14 3.93 -32.38 -5.95
N VAL B 15 3.50 -33.16 -6.92
CA VAL B 15 3.11 -34.56 -6.73
C VAL B 15 4.24 -35.44 -7.24
N LYS B 16 4.70 -36.37 -6.41
CA LYS B 16 5.70 -37.35 -6.79
C LYS B 16 5.19 -38.71 -6.39
N SER B 17 5.09 -39.63 -7.36
CA SER B 17 4.51 -40.96 -7.14
C SER B 17 3.23 -40.87 -6.32
N PHE B 18 2.36 -39.92 -6.68
CA PHE B 18 1.05 -39.68 -6.09
C PHE B 18 1.10 -39.19 -4.65
N SER B 19 2.25 -38.68 -4.19
CA SER B 19 2.38 -38.12 -2.85
C SER B 19 2.77 -36.65 -2.92
N GLY B 20 2.26 -35.85 -1.98
CA GLY B 20 2.48 -34.42 -2.00
C GLY B 20 3.76 -34.02 -1.27
N ARG B 21 4.52 -33.12 -1.88
CA ARG B 21 5.76 -32.61 -1.28
C ARG B 21 6.07 -31.24 -1.88
N ILE B 22 7.14 -30.60 -1.40
CA ILE B 22 7.72 -29.43 -2.07
C ILE B 22 9.11 -29.79 -2.57
N ASP B 23 9.45 -29.31 -3.76
CA ASP B 23 10.71 -29.62 -4.44
C ASP B 23 11.19 -28.41 -5.23
N PRO B 24 12.50 -28.27 -5.41
CA PRO B 24 13.02 -27.31 -6.39
C PRO B 24 13.17 -27.94 -7.76
N TYR B 25 13.22 -27.09 -8.78
CA TYR B 25 13.42 -27.54 -10.16
C TYR B 25 12.58 -28.76 -10.48
N VAL B 26 11.26 -28.59 -10.55
CA VAL B 26 10.33 -29.71 -10.59
C VAL B 26 10.30 -30.33 -11.98
N ASN B 27 10.54 -31.64 -12.06
CA ASN B 27 10.58 -32.34 -13.33
C ASN B 27 9.74 -33.61 -13.27
N PRO B 28 8.75 -33.80 -14.16
CA PRO B 28 8.31 -32.80 -15.14
C PRO B 28 7.60 -31.67 -14.42
N VAL B 29 7.60 -30.48 -15.02
CA VAL B 29 7.07 -29.30 -14.33
C VAL B 29 5.55 -29.40 -14.15
N GLU B 30 4.88 -30.25 -14.93
CA GLU B 30 3.44 -30.44 -14.79
C GLU B 30 3.07 -31.01 -13.43
N ASP B 31 4.03 -31.64 -12.74
CA ASP B 31 3.79 -32.17 -11.41
C ASP B 31 3.54 -31.07 -10.38
N SER B 32 3.92 -29.83 -10.68
CA SER B 32 3.69 -28.72 -9.76
C SER B 32 2.52 -27.84 -10.17
N MET B 33 1.76 -28.25 -11.19
CA MET B 33 0.69 -27.44 -11.74
C MET B 33 -0.66 -28.05 -11.40
N PHE B 34 -1.58 -27.21 -10.96
CA PHE B 34 -2.90 -27.67 -10.55
C PHE B 34 -3.96 -26.79 -11.17
N LYS B 35 -5.10 -27.41 -11.45
CA LYS B 35 -6.30 -26.66 -11.81
C LYS B 35 -7.11 -26.45 -10.54
N ILE B 36 -7.34 -25.19 -10.18
CA ILE B 36 -8.08 -24.86 -8.98
C ILE B 36 -9.57 -24.87 -9.33
N VAL B 37 -10.30 -25.79 -8.72
CA VAL B 37 -11.70 -26.01 -9.06
C VAL B 37 -12.53 -25.68 -7.82
N PRO B 38 -13.84 -25.47 -8.00
CA PRO B 38 -14.73 -25.32 -6.84
C PRO B 38 -14.57 -26.47 -5.86
N GLY B 39 -14.52 -26.13 -4.57
CA GLY B 39 -14.30 -27.15 -3.55
C GLY B 39 -15.26 -28.32 -3.69
N LEU B 40 -14.73 -29.54 -3.70
CA LEU B 40 -15.57 -30.69 -3.98
C LEU B 40 -16.73 -30.79 -3.00
N ALA B 41 -16.51 -30.41 -1.74
CA ALA B 41 -17.54 -30.48 -0.72
C ALA B 41 -18.22 -29.14 -0.46
N ASP B 42 -17.78 -28.08 -1.12
CA ASP B 42 -18.27 -26.72 -0.86
C ASP B 42 -17.73 -25.80 -1.94
N PRO B 43 -18.58 -25.31 -2.85
CA PRO B 43 -18.07 -24.52 -3.98
C PRO B 43 -17.46 -23.19 -3.57
N SER B 44 -17.71 -22.72 -2.35
CA SER B 44 -17.04 -21.50 -1.91
C SER B 44 -15.60 -21.75 -1.47
N CYS B 45 -15.20 -23.01 -1.30
CA CYS B 45 -13.82 -23.39 -1.05
C CYS B 45 -13.12 -23.77 -2.36
N ILE B 46 -11.96 -24.43 -2.27
CA ILE B 46 -11.27 -24.91 -3.46
C ILE B 46 -10.86 -26.36 -3.31
N SER B 47 -10.68 -27.01 -4.45
CA SER B 47 -9.93 -28.26 -4.51
C SER B 47 -8.82 -28.10 -5.54
N PHE B 48 -7.77 -28.90 -5.38
CA PHE B 48 -6.62 -28.90 -6.28
C PHE B 48 -6.75 -30.12 -7.19
N GLU B 49 -6.99 -29.90 -8.48
CA GLU B 49 -7.02 -31.01 -9.42
C GLU B 49 -5.67 -31.13 -10.13
N SER B 50 -5.23 -32.35 -10.34
CA SER B 50 -3.97 -32.60 -11.05
C SER B 50 -4.10 -32.18 -12.51
N LYS B 51 -3.13 -31.40 -12.99
CA LYS B 51 -3.08 -31.15 -14.43
C LYS B 51 -2.64 -32.40 -15.18
N THR B 52 -1.64 -33.11 -14.63
CA THR B 52 -1.14 -34.32 -15.27
C THR B 52 -2.20 -35.42 -15.32
N TYR B 53 -2.97 -35.57 -14.23
CA TYR B 53 -3.99 -36.61 -14.13
C TYR B 53 -5.35 -35.99 -13.84
N PRO B 54 -6.11 -35.59 -14.85
CA PRO B 54 -7.45 -35.06 -14.62
C PRO B 54 -8.28 -36.04 -13.79
N GLY B 55 -9.13 -35.48 -12.93
CA GLY B 55 -9.93 -36.31 -12.07
C GLY B 55 -9.20 -36.83 -10.84
N TYR B 56 -7.96 -36.43 -10.63
CA TYR B 56 -7.24 -36.72 -9.40
C TYR B 56 -7.08 -35.42 -8.62
N TYR B 57 -7.14 -35.52 -7.29
CA TYR B 57 -7.18 -34.35 -6.42
C TYR B 57 -6.19 -34.50 -5.27
N LEU B 58 -5.61 -33.40 -4.84
CA LEU B 58 -4.92 -33.41 -3.56
C LEU B 58 -5.95 -33.62 -2.46
N LYS B 59 -5.66 -34.54 -1.54
CA LYS B 59 -6.55 -34.88 -0.45
C LYS B 59 -5.69 -35.35 0.70
N HIS B 60 -6.20 -35.18 1.92
CA HIS B 60 -5.44 -35.68 3.05
C HIS B 60 -5.96 -37.06 3.45
N GLU B 61 -5.07 -37.87 3.99
CA GLU B 61 -5.42 -39.22 4.42
C GLU B 61 -4.42 -39.60 5.51
N ASN B 62 -4.92 -39.93 6.70
CA ASN B 62 -4.08 -40.04 7.89
C ASN B 62 -3.18 -38.81 8.04
N PHE B 63 -3.72 -37.66 7.66
CA PHE B 63 -3.14 -36.32 7.77
C PHE B 63 -1.95 -36.08 6.83
N ARG B 64 -1.67 -37.00 5.93
CA ARG B 64 -0.71 -36.76 4.85
C ARG B 64 -1.46 -36.29 3.60
N VAL B 65 -0.87 -35.35 2.87
CA VAL B 65 -1.49 -34.84 1.64
C VAL B 65 -1.01 -35.68 0.46
N ILE B 66 -1.95 -36.35 -0.22
CA ILE B 66 -1.61 -37.25 -1.31
C ILE B 66 -2.45 -36.85 -2.53
N LEU B 67 -2.13 -37.47 -3.67
CA LEU B 67 -2.94 -37.36 -4.88
C LEU B 67 -3.73 -38.65 -5.05
N LYS B 68 -5.04 -38.53 -5.20
CA LYS B 68 -5.92 -39.68 -5.26
C LYS B 68 -6.99 -39.44 -6.31
N LYS B 69 -7.36 -40.52 -7.01
CA LYS B 69 -8.44 -40.44 -7.99
C LYS B 69 -9.77 -40.21 -7.28
N TYR B 70 -10.61 -39.36 -7.87
CA TYR B 70 -11.92 -39.03 -7.31
C TYR B 70 -12.65 -40.28 -6.85
N GLU B 71 -13.27 -40.18 -5.65
CA GLU B 71 -14.17 -41.20 -5.14
C GLU B 71 -15.48 -40.53 -4.74
N ASP B 72 -16.60 -41.17 -5.04
CA ASP B 72 -17.91 -40.57 -4.89
C ASP B 72 -18.43 -40.74 -3.46
N THR B 73 -17.73 -40.12 -2.51
CA THR B 73 -18.12 -40.19 -1.11
C THR B 73 -17.98 -38.82 -0.48
N ASP B 74 -18.77 -38.59 0.57
CA ASP B 74 -18.67 -37.35 1.34
C ASP B 74 -17.28 -37.18 1.93
N LEU B 75 -16.71 -38.27 2.45
CA LEU B 75 -15.40 -38.20 3.10
C LEU B 75 -14.31 -37.79 2.11
N PHE B 76 -14.27 -38.42 0.93
CA PHE B 76 -13.28 -38.02 -0.05
C PHE B 76 -13.41 -36.56 -0.41
N ARG B 77 -14.64 -36.12 -0.70
CA ARG B 77 -14.85 -34.74 -1.12
C ARG B 77 -14.43 -33.78 -0.02
N GLU B 78 -14.71 -34.15 1.22
CA GLU B 78 -14.28 -33.31 2.34
C GLU B 78 -12.76 -33.35 2.52
N ASP B 79 -12.14 -34.53 2.37
CA ASP B 79 -10.69 -34.64 2.44
C ASP B 79 -10.00 -33.85 1.35
N ALA B 80 -10.72 -33.47 0.30
CA ALA B 80 -10.10 -32.81 -0.85
C ALA B 80 -10.54 -31.36 -0.97
N THR B 81 -11.13 -30.81 0.07
CA THR B 81 -11.62 -29.45 0.04
C THR B 81 -10.83 -28.62 1.04
N PHE B 82 -10.43 -27.42 0.61
CA PHE B 82 -9.63 -26.52 1.45
C PHE B 82 -10.14 -25.10 1.29
N ARG B 83 -9.99 -24.31 2.35
CA ARG B 83 -10.34 -22.90 2.33
C ARG B 83 -9.07 -22.06 2.26
N VAL B 84 -9.00 -21.17 1.26
CA VAL B 84 -7.87 -20.27 1.15
C VAL B 84 -8.04 -19.14 2.16
N VAL B 85 -7.03 -18.95 3.00
CA VAL B 85 -7.05 -17.91 4.02
C VAL B 85 -5.77 -17.09 3.88
N PRO B 86 -5.72 -15.90 4.50
CA PRO B 86 -4.47 -15.13 4.48
C PRO B 86 -3.35 -15.94 5.12
N GLY B 87 -2.15 -15.83 4.55
CA GLY B 87 -1.05 -16.69 4.98
C GLY B 87 -0.71 -16.51 6.45
N TRP B 88 -0.43 -17.63 7.11
CA TRP B 88 -0.08 -17.62 8.53
C TRP B 88 1.13 -16.72 8.81
N ALA B 89 2.16 -16.77 7.97
CA ALA B 89 3.39 -16.03 8.20
C ALA B 89 3.46 -14.73 7.41
N ASP B 90 2.43 -14.43 6.61
CA ASP B 90 2.34 -13.22 5.82
C ASP B 90 0.93 -13.06 5.28
N GLU B 91 0.24 -12.00 5.72
CA GLU B 91 -1.14 -11.73 5.29
C GLU B 91 -1.27 -11.55 3.79
N ASN B 92 -0.18 -11.24 3.08
CA ASN B 92 -0.25 -11.05 1.64
C ASN B 92 0.00 -12.33 0.87
N MET B 93 0.31 -13.42 1.56
CA MET B 93 0.41 -14.75 0.97
C MET B 93 -0.83 -15.54 1.42
N ILE B 94 -0.81 -16.86 1.20
CA ILE B 94 -2.00 -17.66 1.49
C ILE B 94 -1.64 -18.90 2.28
N SER B 95 -2.65 -19.40 2.99
CA SER B 95 -2.61 -20.70 3.66
C SER B 95 -3.86 -21.47 3.26
N PHE B 96 -3.86 -22.76 3.49
CA PHE B 96 -4.96 -23.65 3.07
C PHE B 96 -5.52 -24.37 4.28
N GLN B 97 -6.70 -23.95 4.72
CA GLN B 97 -7.35 -24.54 5.88
C GLN B 97 -8.12 -25.78 5.45
N SER B 98 -7.99 -26.86 6.21
CA SER B 98 -8.72 -28.07 5.84
C SER B 98 -10.22 -27.87 6.10
N TYR B 99 -11.04 -28.34 5.16
CA TYR B 99 -12.49 -28.20 5.30
C TYR B 99 -13.04 -29.02 6.46
N ASN B 100 -12.63 -30.30 6.55
CA ASN B 100 -13.19 -31.11 7.63
C ASN B 100 -12.35 -31.09 8.90
N TYR B 101 -11.11 -30.59 8.86
CA TYR B 101 -10.29 -30.36 10.05
C TYR B 101 -9.94 -28.87 10.09
N PRO B 102 -10.86 -28.03 10.54
CA PRO B 102 -10.71 -26.57 10.34
C PRO B 102 -9.56 -25.94 11.11
N TYR B 103 -8.96 -26.65 12.06
CA TYR B 103 -7.78 -26.14 12.74
C TYR B 103 -6.49 -26.78 12.24
N ARG B 104 -6.55 -27.53 11.13
CA ARG B 104 -5.36 -28.04 10.46
C ARG B 104 -5.20 -27.39 9.09
N TYR B 105 -3.95 -27.15 8.70
CA TYR B 105 -3.59 -26.44 7.49
C TYR B 105 -2.54 -27.24 6.74
N ILE B 106 -2.53 -27.11 5.41
CA ILE B 106 -1.46 -27.74 4.62
C ILE B 106 -0.13 -27.12 5.02
N ARG B 107 0.86 -27.97 5.30
CA ARG B 107 2.20 -27.51 5.65
C ARG B 107 3.21 -28.55 5.18
N HIS B 108 4.43 -28.09 4.93
CA HIS B 108 5.51 -29.00 4.63
C HIS B 108 6.34 -29.26 5.88
N ARG B 109 6.85 -30.48 5.97
CA ARG B 109 7.68 -30.91 7.09
C ARG B 109 8.58 -32.00 6.53
N ASP B 110 9.90 -31.78 6.60
CA ASP B 110 10.87 -32.63 5.89
C ASP B 110 10.52 -32.73 4.42
N PHE B 111 10.03 -31.61 3.87
CA PHE B 111 9.66 -31.43 2.47
C PHE B 111 8.47 -32.28 2.03
N GLU B 112 7.75 -32.91 2.96
CA GLU B 112 6.50 -33.62 2.64
C GLU B 112 5.31 -32.83 3.19
N LEU B 113 4.15 -33.04 2.57
CA LEU B 113 2.96 -32.23 2.86
C LEU B 113 1.98 -32.93 3.79
N TYR B 114 1.52 -32.21 4.81
CA TYR B 114 0.60 -32.74 5.81
C TYR B 114 -0.46 -31.69 6.06
N ILE B 115 -1.54 -32.07 6.74
CA ILE B 115 -2.41 -31.08 7.39
C ILE B 115 -2.23 -31.22 8.90
N GLU B 116 -1.82 -30.13 9.55
CA GLU B 116 -1.44 -30.19 10.95
C GLU B 116 -1.82 -28.88 11.62
N ASN B 117 -1.92 -28.94 12.95
CA ASN B 117 -2.14 -27.74 13.74
C ASN B 117 -0.91 -26.84 13.61
N ILE B 118 -1.13 -25.53 13.61
CA ILE B 118 -0.08 -24.56 13.30
C ILE B 118 0.19 -23.77 14.56
N LYS B 119 1.29 -24.08 15.26
CA LYS B 119 1.53 -23.54 16.60
C LYS B 119 2.72 -22.59 16.68
N THR B 120 3.84 -22.92 16.06
CA THR B 120 5.06 -22.13 16.18
C THR B 120 5.26 -21.21 14.96
N ASP B 121 6.25 -20.33 15.08
CA ASP B 121 6.60 -19.47 13.96
C ASP B 121 7.09 -20.29 12.78
N LEU B 122 7.80 -21.39 13.04
CA LEU B 122 8.21 -22.27 11.96
C LEU B 122 7.00 -22.97 11.32
N ASP B 123 6.02 -23.37 12.14
CA ASP B 123 4.78 -23.93 11.61
C ASP B 123 4.12 -22.96 10.64
N ARG B 124 3.99 -21.69 11.05
CA ARG B 124 3.30 -20.70 10.22
C ARG B 124 4.00 -20.52 8.87
N LYS B 125 5.33 -20.44 8.88
CA LYS B 125 6.08 -20.32 7.61
C LYS B 125 5.91 -21.57 6.75
N ASP B 126 5.96 -22.75 7.38
CA ASP B 126 5.73 -24.02 6.69
C ASP B 126 4.35 -24.13 6.07
N ALA B 127 3.39 -23.33 6.56
CA ALA B 127 2.02 -23.34 6.10
C ALA B 127 1.69 -22.18 5.17
N THR B 128 2.68 -21.39 4.76
CA THR B 128 2.43 -20.17 4.00
C THR B 128 2.98 -20.32 2.59
N PHE B 129 2.17 -20.00 1.59
CA PHE B 129 2.55 -20.24 0.21
C PHE B 129 2.21 -19.02 -0.65
N ILE B 130 2.82 -19.01 -1.83
CA ILE B 130 2.65 -17.95 -2.83
C ILE B 130 1.99 -18.59 -4.03
N GLY B 131 0.78 -18.15 -4.35
CA GLY B 131 0.11 -18.63 -5.54
C GLY B 131 0.65 -17.93 -6.78
N ILE B 132 0.85 -18.72 -7.84
CA ILE B 132 1.46 -18.22 -9.07
C ILE B 132 0.62 -18.74 -10.24
N LYS B 133 -0.06 -17.84 -10.93
CA LYS B 133 -0.84 -18.21 -12.09
C LYS B 133 0.08 -18.59 -13.24
N VAL B 134 -0.36 -19.56 -14.04
CA VAL B 134 0.45 -20.09 -15.12
C VAL B 134 -0.34 -20.07 -16.43
N MET C 1 10.84 5.53 -7.78
CA MET C 1 11.57 5.27 -9.01
C MET C 1 11.17 3.95 -9.67
N LYS C 2 11.32 3.92 -10.98
CA LYS C 2 11.32 2.67 -11.74
C LYS C 2 12.67 2.55 -12.42
N PHE C 3 12.95 1.36 -12.95
CA PHE C 3 14.26 1.04 -13.48
C PHE C 3 14.09 0.26 -14.78
N GLU C 4 14.55 0.85 -15.88
CA GLU C 4 14.40 0.29 -17.21
C GLU C 4 15.66 -0.46 -17.59
N SER C 5 15.49 -1.61 -18.22
CA SER C 5 16.61 -2.38 -18.75
C SER C 5 17.23 -1.65 -19.94
N SER C 6 18.57 -1.53 -19.94
CA SER C 6 19.26 -0.88 -21.06
C SER C 6 19.27 -1.72 -22.33
N ASN C 7 19.28 -3.06 -22.22
CA ASN C 7 19.30 -3.86 -23.45
C ASN C 7 17.92 -4.37 -23.83
N TYR C 8 16.94 -4.32 -22.93
CA TYR C 8 15.55 -4.52 -23.33
C TYR C 8 14.80 -3.24 -22.98
N ARG C 9 14.99 -2.20 -23.80
CA ARG C 9 14.32 -0.94 -23.55
C ARG C 9 12.80 -1.16 -23.52
N GLY C 10 12.13 -0.47 -22.61
CA GLY C 10 10.71 -0.69 -22.40
C GLY C 10 10.38 -1.82 -21.45
N TYR C 11 11.38 -2.54 -20.94
CA TYR C 11 11.20 -3.56 -19.92
C TYR C 11 11.68 -2.98 -18.59
N TYR C 12 10.90 -3.18 -17.54
CA TYR C 12 11.18 -2.57 -16.26
C TYR C 12 11.30 -3.63 -15.17
N ILE C 13 12.16 -3.35 -14.20
CA ILE C 13 12.21 -4.16 -12.99
C ILE C 13 10.84 -4.14 -12.34
N ARG C 14 10.32 -5.32 -11.99
CA ARG C 14 9.03 -5.38 -11.31
C ARG C 14 9.00 -6.61 -10.42
N VAL C 15 8.09 -6.57 -9.47
CA VAL C 15 7.80 -7.69 -8.59
C VAL C 15 6.57 -8.41 -9.12
N LYS C 16 6.65 -9.73 -9.21
CA LYS C 16 5.52 -10.59 -9.57
C LYS C 16 5.58 -11.79 -8.65
N SER C 17 4.54 -11.99 -7.85
CA SER C 17 4.48 -13.08 -6.87
C SER C 17 5.74 -13.11 -6.00
N PHE C 18 6.18 -11.93 -5.54
CA PHE C 18 7.28 -11.76 -4.60
C PHE C 18 8.63 -12.18 -5.16
N SER C 19 8.76 -12.25 -6.49
CA SER C 19 10.02 -12.47 -7.18
C SER C 19 10.30 -11.31 -8.14
N GLY C 20 11.57 -10.96 -8.30
CA GLY C 20 11.93 -9.89 -9.21
C GLY C 20 12.11 -10.38 -10.63
N ARG C 21 11.69 -9.55 -11.58
CA ARG C 21 11.87 -9.81 -13.01
C ARG C 21 11.84 -8.49 -13.77
N ILE C 22 12.02 -8.55 -15.09
CA ILE C 22 11.77 -7.41 -15.98
C ILE C 22 10.64 -7.79 -16.93
N ASP C 23 9.76 -6.84 -17.20
CA ASP C 23 8.59 -7.03 -18.04
C ASP C 23 8.29 -5.75 -18.78
N PRO C 24 7.81 -5.83 -20.02
CA PRO C 24 7.20 -4.68 -20.67
C PRO C 24 5.76 -4.52 -20.19
N TYR C 25 5.22 -3.32 -20.41
CA TYR C 25 3.80 -3.03 -20.14
C TYR C 25 3.38 -3.58 -18.78
N VAL C 26 4.11 -3.17 -17.75
CA VAL C 26 3.92 -3.74 -16.42
C VAL C 26 2.50 -3.47 -15.93
N ASN C 27 1.84 -4.51 -15.46
CA ASN C 27 0.49 -4.36 -14.98
C ASN C 27 0.28 -5.25 -13.76
N PRO C 28 -0.09 -4.67 -12.61
CA PRO C 28 -0.29 -3.23 -12.42
C PRO C 28 1.02 -2.48 -12.44
N VAL C 29 1.02 -1.23 -12.93
CA VAL C 29 2.27 -0.52 -13.13
C VAL C 29 2.96 -0.23 -11.80
N GLU C 30 2.23 -0.19 -10.69
CA GLU C 30 2.88 0.02 -9.41
C GLU C 30 3.84 -1.12 -9.05
N ASP C 31 3.69 -2.30 -9.67
CA ASP C 31 4.62 -3.40 -9.45
C ASP C 31 6.05 -3.02 -9.83
N SER C 32 6.22 -1.98 -10.64
CA SER C 32 7.54 -1.55 -11.09
C SER C 32 8.01 -0.29 -10.39
N MET C 33 7.30 0.17 -9.36
CA MET C 33 7.66 1.40 -8.65
C MET C 33 8.20 1.09 -7.27
N PHE C 34 9.29 1.77 -6.89
CA PHE C 34 9.93 1.56 -5.61
C PHE C 34 10.25 2.89 -4.96
N LYS C 35 10.20 2.91 -3.63
CA LYS C 35 10.75 4.01 -2.86
C LYS C 35 12.19 3.68 -2.52
N ILE C 36 13.12 4.54 -2.95
CA ILE C 36 14.54 4.32 -2.72
C ILE C 36 14.90 4.96 -1.40
N VAL C 37 15.42 4.15 -0.47
CA VAL C 37 15.71 4.59 0.88
C VAL C 37 17.20 4.37 1.12
N PRO C 38 17.77 5.00 2.16
CA PRO C 38 19.16 4.71 2.49
C PRO C 38 19.34 3.22 2.76
N GLY C 39 20.45 2.67 2.28
CA GLY C 39 20.67 1.23 2.36
C GLY C 39 20.48 0.74 3.78
N LEU C 40 19.73 -0.36 3.95
CA LEU C 40 19.42 -0.84 5.30
C LEU C 40 20.69 -1.22 6.08
N ALA C 41 21.72 -1.69 5.38
CA ALA C 41 22.97 -2.06 6.04
C ALA C 41 24.05 -0.99 5.95
N ASP C 42 23.84 0.06 5.15
CA ASP C 42 24.84 1.10 4.92
C ASP C 42 24.15 2.31 4.30
N PRO C 43 24.15 3.46 4.97
CA PRO C 43 23.39 4.62 4.47
C PRO C 43 23.92 5.23 3.17
N SER C 44 25.15 4.94 2.76
CA SER C 44 25.66 5.42 1.48
C SER C 44 25.22 4.55 0.31
N CYS C 45 24.67 3.37 0.59
CA CYS C 45 24.05 2.52 -0.42
C CYS C 45 22.55 2.79 -0.43
N ILE C 46 21.81 2.01 -1.22
CA ILE C 46 20.36 2.16 -1.31
C ILE C 46 19.68 0.83 -1.03
N SER C 47 18.41 0.91 -0.64
CA SER C 47 17.52 -0.23 -0.59
C SER C 47 16.26 0.12 -1.38
N PHE C 48 15.65 -0.88 -2.00
CA PHE C 48 14.43 -0.70 -2.79
C PHE C 48 13.24 -1.14 -1.95
N GLU C 49 12.40 -0.20 -1.53
CA GLU C 49 11.19 -0.56 -0.79
C GLU C 49 10.02 -0.59 -1.75
N SER C 50 9.20 -1.63 -1.64
CA SER C 50 8.03 -1.77 -2.49
C SER C 50 7.04 -0.64 -2.24
N LYS C 51 6.55 -0.04 -3.33
CA LYS C 51 5.43 0.88 -3.22
C LYS C 51 4.15 0.12 -2.90
N THR C 52 3.98 -1.05 -3.55
CA THR C 52 2.78 -1.86 -3.36
C THR C 52 2.67 -2.41 -1.94
N TYR C 53 3.78 -2.89 -1.38
CA TYR C 53 3.82 -3.50 -0.06
C TYR C 53 4.81 -2.74 0.80
N PRO C 54 4.37 -1.69 1.50
CA PRO C 54 5.29 -0.95 2.37
C PRO C 54 5.89 -1.87 3.42
N GLY C 55 7.16 -1.62 3.76
CA GLY C 55 7.89 -2.49 4.66
C GLY C 55 8.44 -3.76 4.03
N TYR C 56 8.28 -3.95 2.72
CA TYR C 56 8.88 -5.07 1.99
C TYR C 56 9.99 -4.53 1.10
N TYR C 57 11.08 -5.28 0.97
CA TYR C 57 12.24 -4.82 0.22
C TYR C 57 12.66 -5.86 -0.80
N LEU C 58 13.23 -5.38 -1.91
CA LEU C 58 14.00 -6.27 -2.79
C LEU C 58 15.22 -6.78 -2.04
N LYS C 59 15.43 -8.09 -2.07
CA LYS C 59 16.60 -8.66 -1.41
C LYS C 59 16.95 -9.96 -2.12
N HIS C 60 18.24 -10.30 -2.11
CA HIS C 60 18.63 -11.54 -2.75
C HIS C 60 18.59 -12.70 -1.75
N GLU C 61 18.30 -13.89 -2.27
CA GLU C 61 18.16 -15.08 -1.45
C GLU C 61 18.46 -16.25 -2.38
N ASN C 62 19.50 -17.02 -2.06
CA ASN C 62 20.07 -17.99 -2.98
C ASN C 62 20.37 -17.33 -4.33
N PHE C 63 20.77 -16.07 -4.27
CA PHE C 63 21.21 -15.23 -5.39
C PHE C 63 20.07 -14.87 -6.34
N ARG C 64 18.84 -15.20 -5.99
CA ARG C 64 17.66 -14.70 -6.69
C ARG C 64 17.16 -13.46 -5.98
N VAL C 65 16.70 -12.48 -6.77
CA VAL C 65 16.16 -11.22 -6.24
C VAL C 65 14.66 -11.39 -6.00
N ILE C 66 14.25 -11.30 -4.75
CA ILE C 66 12.87 -11.53 -4.37
C ILE C 66 12.40 -10.32 -3.58
N LEU C 67 11.09 -10.26 -3.31
CA LEU C 67 10.53 -9.28 -2.39
C LEU C 67 10.21 -9.99 -1.08
N LYS C 68 10.62 -9.40 0.02
CA LYS C 68 10.46 -10.01 1.32
C LYS C 68 10.19 -8.94 2.37
N LYS C 69 9.32 -9.24 3.32
CA LYS C 69 9.04 -8.30 4.38
C LYS C 69 10.25 -8.13 5.28
N TYR C 70 10.46 -6.90 5.77
CA TYR C 70 11.62 -6.59 6.57
C TYR C 70 11.74 -7.51 7.79
N GLU C 71 12.94 -8.05 7.99
CA GLU C 71 13.28 -8.81 9.18
C GLU C 71 14.45 -8.13 9.89
N ASP C 72 14.38 -8.12 11.22
CA ASP C 72 15.33 -7.37 12.04
C ASP C 72 16.59 -8.21 12.26
N THR C 73 17.30 -8.46 11.15
CA THR C 73 18.56 -9.18 11.20
C THR C 73 19.58 -8.50 10.32
N ASP C 74 20.85 -8.66 10.70
CA ASP C 74 21.95 -8.15 9.89
C ASP C 74 21.89 -8.74 8.49
N LEU C 75 21.67 -10.06 8.40
CA LEU C 75 21.70 -10.73 7.09
C LEU C 75 20.63 -10.17 6.17
N PHE C 76 19.39 -10.01 6.67
CA PHE C 76 18.35 -9.41 5.83
C PHE C 76 18.78 -8.05 5.35
N ARG C 77 19.21 -7.18 6.28
CA ARG C 77 19.57 -5.82 5.91
C ARG C 77 20.69 -5.83 4.87
N GLU C 78 21.66 -6.73 5.02
CA GLU C 78 22.75 -6.82 4.06
C GLU C 78 22.26 -7.37 2.72
N ASP C 79 21.34 -8.33 2.75
CA ASP C 79 20.76 -8.90 1.54
C ASP C 79 19.92 -7.89 0.76
N ALA C 80 19.48 -6.82 1.43
CA ALA C 80 18.60 -5.82 0.83
C ALA C 80 19.32 -4.52 0.52
N THR C 81 20.64 -4.49 0.63
CA THR C 81 21.42 -3.26 0.44
C THR C 81 22.25 -3.36 -0.83
N PHE C 82 22.18 -2.32 -1.65
CA PHE C 82 22.89 -2.32 -2.92
C PHE C 82 23.53 -0.96 -3.15
N ARG C 83 24.73 -0.97 -3.74
CA ARG C 83 25.47 0.25 -4.03
C ARG C 83 25.25 0.63 -5.48
N VAL C 84 24.90 1.89 -5.73
CA VAL C 84 24.72 2.35 -7.10
C VAL C 84 26.08 2.71 -7.69
N VAL C 85 26.41 2.11 -8.82
CA VAL C 85 27.70 2.35 -9.47
C VAL C 85 27.46 2.68 -10.93
N PRO C 86 28.45 3.27 -11.61
CA PRO C 86 28.31 3.49 -13.06
C PRO C 86 27.96 2.19 -13.77
N GLY C 87 27.08 2.28 -14.75
CA GLY C 87 26.59 1.07 -15.41
C GLY C 87 27.73 0.29 -16.07
N TRP C 88 27.64 -1.03 -15.95
CA TRP C 88 28.66 -1.92 -16.50
C TRP C 88 28.82 -1.76 -18.00
N ALA C 89 27.72 -1.60 -18.74
CA ALA C 89 27.77 -1.49 -20.19
C ALA C 89 27.68 -0.05 -20.66
N ASP C 90 27.54 0.90 -19.74
CA ASP C 90 27.36 2.30 -20.09
C ASP C 90 27.46 3.14 -18.85
N GLU C 91 28.57 3.90 -18.75
CA GLU C 91 28.86 4.70 -17.58
C GLU C 91 27.84 5.79 -17.34
N ASN C 92 27.06 6.17 -18.37
CA ASN C 92 25.99 7.13 -18.18
C ASN C 92 24.74 6.53 -17.56
N MET C 93 24.70 5.21 -17.40
CA MET C 93 23.60 4.49 -16.78
C MET C 93 24.09 3.93 -15.44
N ILE C 94 23.33 3.01 -14.84
CA ILE C 94 23.65 2.55 -13.50
C ILE C 94 23.58 1.03 -13.40
N SER C 95 24.35 0.51 -12.44
CA SER C 95 24.28 -0.88 -11.99
C SER C 95 24.18 -0.90 -10.47
N PHE C 96 23.87 -2.07 -9.95
CA PHE C 96 23.59 -2.24 -8.53
C PHE C 96 24.49 -3.35 -7.99
N GLN C 97 25.48 -2.96 -7.20
CA GLN C 97 26.42 -3.87 -6.58
C GLN C 97 25.85 -4.39 -5.26
N SER C 98 25.89 -5.71 -5.07
CA SER C 98 25.44 -6.26 -3.80
C SER C 98 26.39 -5.86 -2.67
N TYR C 99 25.80 -5.43 -1.55
CA TYR C 99 26.60 -4.98 -0.41
C TYR C 99 27.44 -6.13 0.16
N ASN C 100 26.84 -7.30 0.35
CA ASN C 100 27.57 -8.40 0.99
C ASN C 100 28.17 -9.40 0.00
N TYR C 101 27.84 -9.31 -1.29
CA TYR C 101 28.53 -10.05 -2.35
C TYR C 101 29.05 -9.02 -3.35
N PRO C 102 30.16 -8.34 -3.03
CA PRO C 102 30.58 -7.17 -3.81
C PRO C 102 30.98 -7.45 -5.26
N TYR C 103 31.11 -8.72 -5.65
CA TYR C 103 31.36 -9.04 -7.05
C TYR C 103 30.11 -9.48 -7.78
N ARG C 104 28.97 -9.46 -7.12
CA ARG C 104 27.70 -9.82 -7.73
C ARG C 104 26.86 -8.57 -7.90
N TYR C 105 26.15 -8.51 -9.02
CA TYR C 105 25.36 -7.35 -9.39
C TYR C 105 23.98 -7.82 -9.83
N ILE C 106 22.97 -6.97 -9.57
CA ILE C 106 21.63 -7.28 -10.06
C ILE C 106 21.66 -7.33 -11.57
N ARG C 107 21.14 -8.43 -12.12
CA ARG C 107 21.06 -8.60 -13.57
C ARG C 107 19.84 -9.45 -13.88
N HIS C 108 19.34 -9.31 -15.11
CA HIS C 108 18.27 -10.18 -15.58
C HIS C 108 18.88 -11.29 -16.44
N ARG C 109 18.20 -12.43 -16.42
CA ARG C 109 18.61 -13.62 -17.17
C ARG C 109 17.33 -14.43 -17.36
N ASP C 110 16.94 -14.67 -18.62
CA ASP C 110 15.60 -15.18 -18.93
C ASP C 110 14.52 -14.32 -18.28
N PHE C 111 14.80 -13.02 -18.19
CA PHE C 111 13.89 -11.99 -17.67
C PHE C 111 13.64 -12.09 -16.17
N GLU C 112 14.36 -12.97 -15.45
CA GLU C 112 14.29 -13.02 -14.00
C GLU C 112 15.54 -12.37 -13.41
N LEU C 113 15.40 -11.81 -12.21
CA LEU C 113 16.44 -10.99 -11.60
C LEU C 113 17.27 -11.81 -10.61
N TYR C 114 18.59 -11.74 -10.75
CA TYR C 114 19.55 -12.40 -9.86
C TYR C 114 20.63 -11.41 -9.48
N ILE C 115 21.47 -11.77 -8.52
CA ILE C 115 22.77 -11.11 -8.34
C ILE C 115 23.84 -12.10 -8.80
N GLU C 116 24.62 -11.70 -9.79
CA GLU C 116 25.58 -12.62 -10.41
C GLU C 116 26.85 -11.88 -10.78
N ASN C 117 27.93 -12.65 -10.92
CA ASN C 117 29.19 -12.11 -11.42
C ASN C 117 29.00 -11.62 -12.85
N ILE C 118 29.61 -10.46 -13.16
CA ILE C 118 29.48 -9.82 -14.46
C ILE C 118 30.80 -9.99 -15.20
N LYS C 119 30.79 -10.81 -16.25
CA LYS C 119 32.05 -11.14 -16.95
C LYS C 119 32.00 -10.88 -18.45
N THR C 120 30.88 -11.14 -19.11
CA THR C 120 30.77 -10.97 -20.56
C THR C 120 30.07 -9.67 -20.91
N ASP C 121 30.15 -9.32 -22.19
CA ASP C 121 29.42 -8.16 -22.66
C ASP C 121 27.91 -8.35 -22.46
N LEU C 122 27.42 -9.59 -22.62
CA LEU C 122 26.01 -9.85 -22.34
C LEU C 122 25.69 -9.60 -20.86
N ASP C 123 26.52 -10.16 -19.96
CA ASP C 123 26.37 -9.89 -18.53
C ASP C 123 26.30 -8.40 -18.25
N ARG C 124 27.23 -7.64 -18.82
CA ARG C 124 27.29 -6.21 -18.53
C ARG C 124 26.00 -5.52 -18.93
N LYS C 125 25.50 -5.80 -20.14
CA LYS C 125 24.23 -5.22 -20.57
C LYS C 125 23.09 -5.65 -19.68
N ASP C 126 23.05 -6.94 -19.31
CA ASP C 126 22.02 -7.48 -18.41
C ASP C 126 22.03 -6.80 -17.04
N ALA C 127 23.15 -6.17 -16.65
CA ALA C 127 23.29 -5.54 -15.35
C ALA C 127 23.22 -4.02 -15.42
N THR C 128 22.86 -3.46 -16.57
CA THR C 128 22.86 -2.02 -16.75
C THR C 128 21.42 -1.53 -16.92
N PHE C 129 21.05 -0.54 -16.12
CA PHE C 129 19.68 -0.09 -15.99
C PHE C 129 19.65 1.44 -16.05
N ILE C 130 18.44 1.95 -16.28
CA ILE C 130 18.17 3.38 -16.39
C ILE C 130 17.24 3.75 -15.24
N GLY C 131 17.67 4.65 -14.37
CA GLY C 131 16.80 5.13 -13.30
C GLY C 131 15.83 6.16 -13.84
N ILE C 132 14.54 6.02 -13.47
CA ILE C 132 13.49 6.92 -13.93
C ILE C 132 12.72 7.42 -12.72
N LYS C 133 12.78 8.72 -12.48
CA LYS C 133 12.01 9.29 -11.38
C LYS C 133 10.55 9.42 -11.81
N VAL C 134 9.64 8.98 -10.95
CA VAL C 134 8.22 9.07 -11.26
C VAL C 134 7.51 9.94 -10.23
N MET D 1 6.21 24.64 12.15
CA MET D 1 7.50 24.75 11.47
C MET D 1 7.84 26.17 11.12
N LYS D 2 9.14 26.42 11.07
CA LYS D 2 9.73 27.63 10.53
C LYS D 2 10.50 27.24 9.29
N PHE D 3 10.80 28.22 8.46
CA PHE D 3 11.55 27.97 7.23
C PHE D 3 12.61 29.04 7.07
N GLU D 4 13.85 28.60 7.03
CA GLU D 4 15.01 29.47 6.93
C GLU D 4 15.48 29.47 5.49
N SER D 5 15.84 30.66 5.00
CA SER D 5 16.40 30.76 3.67
C SER D 5 17.77 30.10 3.64
N SER D 6 18.04 29.35 2.56
CA SER D 6 19.34 28.70 2.46
C SER D 6 20.45 29.71 2.16
N ASN D 7 20.19 30.71 1.32
CA ASN D 7 21.24 31.68 1.01
C ASN D 7 21.21 32.90 1.92
N TYR D 8 20.20 33.02 2.79
CA TYR D 8 20.22 34.04 3.83
C TYR D 8 19.96 33.34 5.17
N ARG D 9 20.98 32.64 5.64
CA ARG D 9 20.88 31.97 6.94
C ARG D 9 20.54 32.98 8.03
N GLY D 10 19.69 32.56 8.96
CA GLY D 10 19.13 33.47 9.93
C GLY D 10 17.95 34.29 9.44
N TYR D 11 17.62 34.26 8.16
CA TYR D 11 16.40 34.86 7.63
C TYR D 11 15.35 33.78 7.48
N TYR D 12 14.18 34.02 8.06
CA TYR D 12 13.09 33.06 8.03
C TYR D 12 11.90 33.65 7.27
N ILE D 13 11.14 32.76 6.62
CA ILE D 13 9.84 33.13 6.08
C ILE D 13 8.97 33.66 7.21
N ARG D 14 8.34 34.82 7.00
CA ARG D 14 7.45 35.37 8.02
C ARG D 14 6.39 36.21 7.37
N VAL D 15 5.30 36.42 8.11
CA VAL D 15 4.22 37.30 7.71
C VAL D 15 4.41 38.64 8.40
N LYS D 16 4.34 39.72 7.64
CA LYS D 16 4.25 41.05 8.25
C LYS D 16 3.20 41.84 7.51
N SER D 17 2.25 42.40 8.26
CA SER D 17 1.10 43.11 7.69
C SER D 17 0.45 42.26 6.60
N PHE D 18 0.36 40.96 6.87
CA PHE D 18 -0.36 39.98 6.05
C PHE D 18 0.30 39.70 4.71
N SER D 19 1.57 40.06 4.53
CA SER D 19 2.28 39.73 3.30
C SER D 19 3.55 38.96 3.63
N GLY D 20 3.98 38.12 2.69
CA GLY D 20 5.08 37.18 2.95
C GLY D 20 6.43 37.78 2.62
N ARG D 21 7.41 37.54 3.51
CA ARG D 21 8.77 38.00 3.28
C ARG D 21 9.73 37.09 4.04
N ILE D 22 11.04 37.37 3.92
CA ILE D 22 12.05 36.77 4.79
C ILE D 22 12.74 37.88 5.58
N ASP D 23 12.92 37.66 6.89
CA ASP D 23 13.49 38.60 7.84
C ASP D 23 14.36 37.87 8.85
N PRO D 24 15.40 38.53 9.35
CA PRO D 24 16.11 38.03 10.53
C PRO D 24 15.49 38.57 11.82
N TYR D 25 15.79 37.90 12.91
CA TYR D 25 15.38 38.33 14.25
C TYR D 25 13.89 38.63 14.28
N VAL D 26 13.09 37.68 13.77
CA VAL D 26 11.68 37.91 13.54
C VAL D 26 10.99 38.30 14.84
N ASN D 27 10.37 39.48 14.85
CA ASN D 27 9.67 39.97 16.03
C ASN D 27 8.25 40.37 15.64
N PRO D 28 7.21 39.75 16.23
CA PRO D 28 7.29 38.65 17.18
C PRO D 28 7.65 37.34 16.48
N VAL D 29 8.29 36.41 17.21
CA VAL D 29 8.81 35.21 16.56
C VAL D 29 7.69 34.32 16.02
N GLU D 30 6.48 34.44 16.56
CA GLU D 30 5.35 33.65 16.08
C GLU D 30 4.99 33.98 14.63
N ASP D 31 5.37 35.16 14.14
CA ASP D 31 5.17 35.52 12.74
C ASP D 31 5.90 34.58 11.78
N SER D 32 6.92 33.86 12.24
CA SER D 32 7.69 32.95 11.41
C SER D 32 7.25 31.50 11.57
N MET D 33 6.15 31.26 12.27
CA MET D 33 5.74 29.91 12.60
C MET D 33 4.46 29.56 11.85
N PHE D 34 4.43 28.34 11.33
CA PHE D 34 3.28 27.86 10.56
C PHE D 34 2.93 26.45 11.00
N LYS D 35 1.63 26.16 10.95
CA LYS D 35 1.15 24.80 11.09
C LYS D 35 1.05 24.23 9.67
N ILE D 36 1.79 23.16 9.42
CA ILE D 36 1.76 22.54 8.10
C ILE D 36 0.57 21.57 8.07
N VAL D 37 -0.40 21.85 7.21
CA VAL D 37 -1.65 21.09 7.18
C VAL D 37 -1.73 20.39 5.84
N PRO D 38 -2.60 19.39 5.70
CA PRO D 38 -2.84 18.81 4.37
C PRO D 38 -3.27 19.88 3.38
N GLY D 39 -2.72 19.81 2.17
CA GLY D 39 -2.99 20.81 1.15
C GLY D 39 -4.47 21.03 0.91
N LEU D 40 -4.89 22.30 0.91
CA LEU D 40 -6.32 22.58 0.86
C LEU D 40 -6.94 22.06 -0.42
N ALA D 41 -6.18 21.96 -1.50
CA ALA D 41 -6.72 21.46 -2.76
C ALA D 41 -6.34 20.01 -3.03
N ASP D 42 -5.56 19.39 -2.16
CA ASP D 42 -5.00 18.07 -2.42
C ASP D 42 -4.25 17.63 -1.19
N PRO D 43 -4.76 16.63 -0.46
CA PRO D 43 -4.13 16.25 0.82
C PRO D 43 -2.73 15.70 0.68
N SER D 44 -2.30 15.31 -0.51
CA SER D 44 -0.91 14.85 -0.64
C SER D 44 0.07 16.00 -0.73
N CYS D 45 -0.42 17.24 -0.87
CA CYS D 45 0.41 18.43 -0.84
C CYS D 45 0.32 19.06 0.56
N ILE D 46 0.82 20.29 0.69
CA ILE D 46 0.76 21.00 1.95
C ILE D 46 0.13 22.38 1.76
N SER D 47 -0.38 22.92 2.86
CA SER D 47 -0.65 24.35 2.99
C SER D 47 -0.02 24.84 4.27
N PHE D 48 0.28 26.13 4.29
CA PHE D 48 0.89 26.80 5.44
C PHE D 48 -0.20 27.55 6.18
N GLU D 49 -0.62 27.06 7.33
CA GLU D 49 -1.58 27.81 8.13
C GLU D 49 -0.83 28.67 9.14
N SER D 50 -1.31 29.89 9.32
CA SER D 50 -0.69 30.80 10.28
C SER D 50 -0.92 30.29 11.70
N LYS D 51 0.15 30.30 12.52
CA LYS D 51 -0.05 29.98 13.93
C LYS D 51 -0.68 31.15 14.68
N THR D 52 -0.32 32.39 14.33
CA THR D 52 -0.91 33.54 15.01
C THR D 52 -2.37 33.75 14.63
N TYR D 53 -2.72 33.47 13.37
CA TYR D 53 -4.09 33.66 12.88
C TYR D 53 -4.63 32.35 12.32
N PRO D 54 -5.18 31.48 13.16
CA PRO D 54 -5.77 30.24 12.65
C PRO D 54 -6.82 30.52 11.59
N GLY D 55 -6.89 29.63 10.59
CA GLY D 55 -7.79 29.83 9.47
C GLY D 55 -7.28 30.76 8.40
N TYR D 56 -6.07 31.30 8.53
CA TYR D 56 -5.40 32.09 7.50
C TYR D 56 -4.26 31.27 6.92
N TYR D 57 -4.02 31.43 5.62
CA TYR D 57 -3.09 30.59 4.89
C TYR D 57 -2.19 31.44 4.02
N LEU D 58 -0.94 30.99 3.86
CA LEU D 58 -0.11 31.56 2.82
C LEU D 58 -0.66 31.14 1.48
N LYS D 59 -0.70 32.09 0.55
CA LYS D 59 -1.25 31.83 -0.78
C LYS D 59 -0.76 32.91 -1.72
N HIS D 60 -0.74 32.59 -3.01
CA HIS D 60 -0.26 33.55 -3.98
C HIS D 60 -1.44 34.27 -4.63
N GLU D 61 -1.20 35.53 -4.98
CA GLU D 61 -2.21 36.38 -5.60
C GLU D 61 -1.44 37.41 -6.42
N ASN D 62 -1.69 37.44 -7.73
CA ASN D 62 -0.84 38.16 -8.68
C ASN D 62 0.63 37.81 -8.47
N PHE D 63 0.85 36.53 -8.13
CA PHE D 63 2.15 35.89 -7.95
C PHE D 63 2.93 36.42 -6.75
N ARG D 64 2.32 37.24 -5.91
CA ARG D 64 2.89 37.59 -4.61
C ARG D 64 2.37 36.61 -3.57
N VAL D 65 3.21 36.20 -2.64
CA VAL D 65 2.80 35.31 -1.55
C VAL D 65 2.34 36.15 -0.36
N ILE D 66 1.07 36.02 0.00
CA ILE D 66 0.47 36.83 1.05
C ILE D 66 -0.23 35.89 2.03
N LEU D 67 -0.64 36.44 3.16
CA LEU D 67 -1.45 35.72 4.12
C LEU D 67 -2.90 36.17 3.99
N LYS D 68 -3.80 35.20 3.88
CA LYS D 68 -5.19 35.53 3.60
C LYS D 68 -6.11 34.57 4.32
N LYS D 69 -7.21 35.09 4.84
CA LYS D 69 -8.20 34.26 5.53
C LYS D 69 -8.87 33.33 4.54
N TYR D 70 -9.11 32.09 4.99
CA TYR D 70 -9.72 31.06 4.16
C TYR D 70 -10.94 31.59 3.41
N GLU D 71 -11.05 31.17 2.14
CA GLU D 71 -12.23 31.42 1.34
C GLU D 71 -12.62 30.12 0.65
N ASP D 72 -13.93 29.84 0.62
CA ASP D 72 -14.46 28.55 0.16
C ASP D 72 -14.62 28.56 -1.36
N THR D 73 -13.49 28.67 -2.05
CA THR D 73 -13.48 28.53 -3.49
C THR D 73 -12.34 27.61 -3.91
N ASP D 74 -12.49 27.03 -5.10
CA ASP D 74 -11.44 26.19 -5.66
C ASP D 74 -10.16 26.98 -5.88
N LEU D 75 -10.30 28.21 -6.38
CA LEU D 75 -9.12 29.04 -6.67
C LEU D 75 -8.35 29.35 -5.40
N PHE D 76 -9.04 29.73 -4.32
CA PHE D 76 -8.32 30.01 -3.09
C PHE D 76 -7.53 28.79 -2.63
N ARG D 77 -8.18 27.62 -2.65
CA ARG D 77 -7.53 26.43 -2.14
C ARG D 77 -6.34 26.05 -3.00
N GLU D 78 -6.47 26.21 -4.32
CA GLU D 78 -5.33 25.94 -5.20
C GLU D 78 -4.24 26.99 -5.02
N ASP D 79 -4.61 28.26 -4.84
CA ASP D 79 -3.64 29.31 -4.56
C ASP D 79 -2.93 29.09 -3.24
N ALA D 80 -3.45 28.22 -2.37
CA ALA D 80 -2.87 28.01 -1.04
C ALA D 80 -2.24 26.64 -0.90
N THR D 81 -2.06 25.91 -1.99
CA THR D 81 -1.55 24.55 -1.94
C THR D 81 -0.19 24.50 -2.62
N PHE D 82 0.76 23.82 -1.98
CA PHE D 82 2.13 23.74 -2.50
C PHE D 82 2.64 22.31 -2.37
N ARG D 83 3.51 21.91 -3.30
CA ARG D 83 4.15 20.60 -3.24
C ARG D 83 5.58 20.76 -2.76
N VAL D 84 5.95 20.01 -1.72
CA VAL D 84 7.32 20.01 -1.22
C VAL D 84 8.15 19.13 -2.14
N VAL D 85 9.17 19.71 -2.77
CA VAL D 85 10.08 18.98 -3.66
C VAL D 85 11.52 19.16 -3.15
N PRO D 86 12.48 18.34 -3.59
CA PRO D 86 13.87 18.57 -3.16
C PRO D 86 14.32 19.96 -3.56
N GLY D 87 15.10 20.59 -2.68
CA GLY D 87 15.53 21.97 -2.87
C GLY D 87 16.23 22.21 -4.21
N TRP D 88 15.81 23.28 -4.90
CA TRP D 88 16.43 23.64 -6.17
C TRP D 88 17.95 23.79 -6.04
N ALA D 89 18.42 24.45 -4.98
CA ALA D 89 19.84 24.72 -4.82
C ALA D 89 20.55 23.72 -3.92
N ASP D 90 19.83 22.71 -3.43
CA ASP D 90 20.41 21.67 -2.58
C ASP D 90 19.35 20.61 -2.33
N GLU D 91 19.60 19.39 -2.82
CA GLU D 91 18.58 18.33 -2.76
C GLU D 91 18.26 17.92 -1.33
N ASN D 92 19.09 18.25 -0.37
CA ASN D 92 18.81 17.94 1.02
C ASN D 92 17.97 19.01 1.70
N MET D 93 17.68 20.10 1.00
CA MET D 93 16.79 21.14 1.46
C MET D 93 15.49 21.03 0.66
N ILE D 94 14.62 22.02 0.76
CA ILE D 94 13.32 21.88 0.12
C ILE D 94 12.95 23.13 -0.67
N SER D 95 12.11 22.93 -1.68
CA SER D 95 11.47 24.00 -2.42
C SER D 95 9.97 23.71 -2.45
N PHE D 96 9.19 24.71 -2.82
CA PHE D 96 7.73 24.64 -2.73
C PHE D 96 7.15 24.97 -4.09
N GLN D 97 6.66 23.93 -4.77
CA GLN D 97 6.05 24.07 -6.09
C GLN D 97 4.57 24.46 -5.97
N SER D 98 4.17 25.47 -6.71
CA SER D 98 2.77 25.88 -6.74
C SER D 98 1.91 24.76 -7.31
N TYR D 99 0.78 24.51 -6.65
CA TYR D 99 -0.17 23.51 -7.13
C TYR D 99 -0.77 23.92 -8.47
N ASN D 100 -1.23 25.15 -8.60
CA ASN D 100 -1.90 25.52 -9.84
C ASN D 100 -0.96 26.16 -10.87
N TYR D 101 0.26 26.56 -10.48
CA TYR D 101 1.29 27.00 -11.41
C TYR D 101 2.50 26.09 -11.21
N PRO D 102 2.48 24.89 -11.81
CA PRO D 102 3.49 23.87 -11.45
C PRO D 102 4.91 24.20 -11.86
N TYR D 103 5.13 25.25 -12.64
CA TYR D 103 6.49 25.68 -12.97
C TYR D 103 6.89 26.94 -12.22
N ARG D 104 6.12 27.34 -11.22
CA ARG D 104 6.49 28.43 -10.34
C ARG D 104 6.69 27.90 -8.92
N TYR D 105 7.61 28.52 -8.20
CA TYR D 105 8.03 28.09 -6.89
C TYR D 105 8.09 29.30 -5.97
N ILE D 106 7.87 29.07 -4.68
CA ILE D 106 8.06 30.12 -3.70
C ILE D 106 9.53 30.54 -3.72
N ARG D 107 9.76 31.86 -3.78
CA ARG D 107 11.11 32.39 -3.73
C ARG D 107 11.05 33.81 -3.17
N HIS D 108 12.16 34.22 -2.56
CA HIS D 108 12.29 35.60 -2.12
C HIS D 108 13.06 36.40 -3.17
N ARG D 109 12.77 37.70 -3.19
CA ARG D 109 13.37 38.64 -4.12
C ARG D 109 13.14 40.01 -3.50
N ASP D 110 14.21 40.78 -3.29
CA ASP D 110 14.14 41.98 -2.46
C ASP D 110 13.49 41.66 -1.11
N PHE D 111 13.71 40.43 -0.63
CA PHE D 111 13.25 39.90 0.65
C PHE D 111 11.73 39.76 0.74
N GLU D 112 11.01 39.84 -0.37
CA GLU D 112 9.57 39.57 -0.41
C GLU D 112 9.34 38.27 -1.16
N LEU D 113 8.22 37.59 -0.85
CA LEU D 113 7.95 36.25 -1.38
C LEU D 113 7.02 36.28 -2.60
N TYR D 114 7.42 35.55 -3.64
CA TYR D 114 6.65 35.43 -4.87
C TYR D 114 6.64 33.96 -5.26
N ILE D 115 5.77 33.59 -6.19
CA ILE D 115 5.93 32.35 -6.92
C ILE D 115 6.35 32.71 -8.34
N GLU D 116 7.54 32.24 -8.74
CA GLU D 116 8.12 32.66 -10.00
C GLU D 116 8.81 31.48 -10.65
N ASN D 117 9.05 31.60 -11.94
CA ASN D 117 9.84 30.60 -12.66
C ASN D 117 11.27 30.66 -12.16
N ILE D 118 11.91 29.49 -12.05
CA ILE D 118 13.20 29.34 -11.41
C ILE D 118 14.22 29.01 -12.49
N LYS D 119 15.00 30.01 -12.91
CA LYS D 119 15.84 29.92 -14.10
C LYS D 119 17.33 29.99 -13.81
N THR D 120 17.79 30.93 -12.99
CA THR D 120 19.22 31.10 -12.76
C THR D 120 19.66 30.41 -11.46
N ASP D 121 20.98 30.42 -11.24
CA ASP D 121 21.54 29.90 -10.01
C ASP D 121 21.05 30.69 -8.80
N LEU D 122 20.98 32.02 -8.94
CA LEU D 122 20.40 32.83 -7.87
C LEU D 122 18.92 32.51 -7.67
N ASP D 123 18.17 32.31 -8.76
CA ASP D 123 16.78 31.88 -8.66
C ASP D 123 16.67 30.64 -7.77
N ARG D 124 17.54 29.66 -8.01
CA ARG D 124 17.46 28.40 -7.27
C ARG D 124 17.77 28.61 -5.78
N LYS D 125 18.78 29.42 -5.46
CA LYS D 125 19.06 29.69 -4.05
C LYS D 125 17.90 30.44 -3.38
N ASP D 126 17.32 31.41 -4.09
CA ASP D 126 16.16 32.15 -3.60
C ASP D 126 14.95 31.25 -3.38
N ALA D 127 14.90 30.10 -4.04
CA ALA D 127 13.78 29.17 -3.91
C ALA D 127 14.09 27.99 -2.98
N THR D 128 15.21 28.00 -2.26
CA THR D 128 15.61 26.85 -1.45
C THR D 128 15.58 27.21 0.03
N PHE D 129 14.90 26.38 0.82
CA PHE D 129 14.69 26.68 2.23
C PHE D 129 15.04 25.46 3.08
N ILE D 130 15.11 25.69 4.38
CA ILE D 130 15.41 24.66 5.37
C ILE D 130 14.25 24.59 6.33
N GLY D 131 13.61 23.43 6.40
CA GLY D 131 12.53 23.22 7.35
C GLY D 131 13.07 22.98 8.75
N ILE D 132 12.52 23.70 9.72
CA ILE D 132 12.94 23.63 11.11
C ILE D 132 11.70 23.38 11.95
N LYS D 133 11.63 22.21 12.59
CA LYS D 133 10.46 21.91 13.40
C LYS D 133 10.55 22.64 14.74
N VAL D 134 9.41 23.06 15.25
CA VAL D 134 9.34 23.84 16.48
C VAL D 134 8.71 23.04 17.60
N MET E 1 20.50 22.71 -32.55
CA MET E 1 19.07 22.99 -32.71
C MET E 1 18.21 22.53 -31.53
N LYS E 2 17.14 23.27 -31.29
CA LYS E 2 16.08 22.90 -30.38
C LYS E 2 14.79 22.88 -31.18
N PHE E 3 13.80 22.16 -30.66
CA PHE E 3 12.54 22.00 -31.40
C PHE E 3 11.40 22.26 -30.45
N GLU E 4 10.66 23.32 -30.71
CA GLU E 4 9.55 23.73 -29.88
C GLU E 4 8.25 23.16 -30.44
N SER E 5 7.38 22.73 -29.54
CA SER E 5 6.06 22.25 -29.95
C SER E 5 5.20 23.41 -30.44
N SER E 6 4.49 23.16 -31.55
CA SER E 6 3.64 24.23 -32.10
C SER E 6 2.38 24.43 -31.27
N ASN E 7 1.77 23.35 -30.76
CA ASN E 7 0.56 23.51 -29.98
C ASN E 7 0.82 23.63 -28.47
N TYR E 8 2.04 23.36 -28.01
CA TYR E 8 2.44 23.67 -26.64
C TYR E 8 3.68 24.56 -26.70
N ARG E 9 3.47 25.84 -27.01
CA ARG E 9 4.60 26.74 -27.16
C ARG E 9 5.33 26.89 -25.84
N GLY E 10 6.63 27.10 -25.92
CA GLY E 10 7.46 27.05 -24.74
C GLY E 10 7.85 25.66 -24.30
N TYR E 11 7.27 24.61 -24.90
CA TYR E 11 7.65 23.23 -24.60
C TYR E 11 8.58 22.74 -25.71
N TYR E 12 9.66 22.05 -25.32
CA TYR E 12 10.72 21.66 -26.24
C TYR E 12 10.94 20.16 -26.18
N ILE E 13 11.27 19.58 -27.34
CA ILE E 13 11.74 18.20 -27.36
C ILE E 13 12.95 18.09 -26.45
N ARG E 14 12.95 17.08 -25.57
CA ARG E 14 14.08 16.91 -24.68
C ARG E 14 14.20 15.44 -24.29
N VAL E 15 15.38 15.08 -23.83
CA VAL E 15 15.66 13.73 -23.34
C VAL E 15 15.66 13.75 -21.82
N LYS E 16 14.92 12.82 -21.23
CA LYS E 16 14.83 12.66 -19.79
C LYS E 16 14.95 11.17 -19.50
N SER E 17 15.96 10.76 -18.74
CA SER E 17 16.26 9.35 -18.49
C SER E 17 16.26 8.55 -19.81
N PHE E 18 16.87 9.13 -20.84
CA PHE E 18 17.07 8.48 -22.14
C PHE E 18 15.76 8.23 -22.88
N SER E 19 14.69 8.96 -22.55
CA SER E 19 13.44 8.88 -23.28
C SER E 19 13.01 10.25 -23.76
N GLY E 20 12.34 10.28 -24.91
CA GLY E 20 11.95 11.54 -25.54
C GLY E 20 10.64 12.08 -25.00
N ARG E 21 10.61 13.39 -24.74
CA ARG E 21 9.40 14.04 -24.28
C ARG E 21 9.48 15.51 -24.65
N ILE E 22 8.40 16.25 -24.36
CA ILE E 22 8.40 17.71 -24.44
C ILE E 22 8.11 18.27 -23.06
N ASP E 23 8.86 19.31 -22.68
CA ASP E 23 8.79 19.96 -21.37
C ASP E 23 9.03 21.45 -21.58
N PRO E 24 8.38 22.30 -20.79
CA PRO E 24 8.82 23.69 -20.69
C PRO E 24 9.95 23.81 -19.68
N TYR E 25 10.61 24.97 -19.69
CA TYR E 25 11.68 25.31 -18.73
C TYR E 25 12.65 24.15 -18.54
N VAL E 26 13.13 23.62 -19.66
CA VAL E 26 13.90 22.38 -19.65
C VAL E 26 15.12 22.53 -18.74
N ASN E 27 15.31 21.56 -17.87
CA ASN E 27 16.40 21.64 -16.90
C ASN E 27 17.10 20.30 -16.76
N PRO E 28 18.40 20.20 -17.07
CA PRO E 28 19.22 21.28 -17.62
C PRO E 28 18.91 21.57 -19.09
N VAL E 29 19.15 22.80 -19.54
CA VAL E 29 18.69 23.21 -20.87
C VAL E 29 19.34 22.36 -21.97
N GLU E 30 20.52 21.81 -21.71
CA GLU E 30 21.20 21.02 -22.74
C GLU E 30 20.44 19.74 -23.09
N ASP E 31 19.50 19.32 -22.24
CA ASP E 31 18.66 18.17 -22.56
C ASP E 31 17.79 18.41 -23.78
N SER E 32 17.53 19.66 -24.15
CA SER E 32 16.73 20.00 -25.34
C SER E 32 17.59 20.36 -26.55
N MET E 33 18.90 20.23 -26.46
CA MET E 33 19.75 20.61 -27.59
C MET E 33 20.27 19.39 -28.33
N PHE E 34 20.25 19.48 -29.65
CA PHE E 34 20.64 18.38 -30.52
C PHE E 34 21.55 18.89 -31.63
N LYS E 35 22.46 18.04 -32.04
CA LYS E 35 23.28 18.26 -33.22
C LYS E 35 22.61 17.52 -34.37
N ILE E 36 22.19 18.25 -35.39
CA ILE E 36 21.55 17.68 -36.55
C ILE E 36 22.63 17.26 -37.54
N VAL E 37 22.71 15.96 -37.81
CA VAL E 37 23.72 15.38 -38.69
C VAL E 37 22.97 14.75 -39.86
N PRO E 38 23.68 14.46 -40.97
CA PRO E 38 23.03 13.76 -42.08
C PRO E 38 22.50 12.40 -41.64
N GLY E 39 21.31 12.06 -42.12
CA GLY E 39 20.64 10.82 -41.73
C GLY E 39 21.55 9.61 -41.75
N LEU E 40 21.56 8.85 -40.66
CA LEU E 40 22.45 7.70 -40.54
C LEU E 40 22.20 6.67 -41.63
N ALA E 41 20.94 6.47 -42.02
CA ALA E 41 20.63 5.51 -43.07
C ALA E 41 20.52 6.14 -44.46
N ASP E 42 20.50 7.47 -44.55
CA ASP E 42 20.32 8.19 -45.80
C ASP E 42 20.73 9.62 -45.55
N PRO E 43 21.86 10.07 -46.11
CA PRO E 43 22.38 11.40 -45.77
C PRO E 43 21.54 12.54 -46.34
N SER E 44 20.50 12.27 -47.13
CA SER E 44 19.59 13.34 -47.50
C SER E 44 18.56 13.60 -46.42
N CYS E 45 18.41 12.68 -45.47
CA CYS E 45 17.56 12.90 -44.29
C CYS E 45 18.43 13.41 -43.15
N ILE E 46 17.90 13.38 -41.91
CA ILE E 46 18.63 13.82 -40.74
C ILE E 46 18.56 12.76 -39.66
N SER E 47 19.47 12.87 -38.71
CA SER E 47 19.43 12.17 -37.44
C SER E 47 19.71 13.19 -36.34
N PHE E 48 19.11 12.98 -35.17
CA PHE E 48 19.26 13.88 -34.02
C PHE E 48 20.32 13.30 -33.10
N GLU E 49 21.49 13.93 -33.04
CA GLU E 49 22.52 13.50 -32.10
C GLU E 49 22.45 14.30 -30.80
N SER E 50 22.60 13.60 -29.68
CA SER E 50 22.55 14.26 -28.38
C SER E 50 23.75 15.19 -28.20
N LYS E 51 23.49 16.40 -27.71
CA LYS E 51 24.63 17.24 -27.36
C LYS E 51 25.21 16.82 -26.01
N THR E 52 24.35 16.45 -25.06
CA THR E 52 24.83 15.98 -23.75
C THR E 52 25.63 14.69 -23.89
N TYR E 53 25.19 13.78 -24.75
CA TYR E 53 25.78 12.44 -24.88
C TYR E 53 26.20 12.25 -26.34
N PRO E 54 27.39 12.72 -26.71
CA PRO E 54 27.85 12.52 -28.08
C PRO E 54 27.81 11.03 -28.45
N GLY E 55 27.47 10.76 -29.70
CA GLY E 55 27.34 9.40 -30.14
C GLY E 55 26.06 8.70 -29.72
N TYR E 56 25.11 9.43 -29.13
CA TYR E 56 23.78 8.90 -28.83
C TYR E 56 22.77 9.58 -29.74
N TYR E 57 21.78 8.84 -30.20
CA TYR E 57 20.85 9.35 -31.19
C TYR E 57 19.42 9.09 -30.76
N LEU E 58 18.54 10.05 -31.06
CA LEU E 58 17.11 9.77 -31.00
C LEU E 58 16.77 8.68 -32.01
N LYS E 59 15.99 7.69 -31.59
CA LYS E 59 15.59 6.59 -32.46
C LYS E 59 14.30 6.02 -31.92
N HIS E 60 13.50 5.42 -32.80
CA HIS E 60 12.27 4.80 -32.32
C HIS E 60 12.50 3.32 -32.02
N GLU E 61 11.77 2.82 -31.04
CA GLU E 61 11.85 1.44 -30.61
C GLU E 61 10.52 1.11 -29.96
N ASN E 62 9.80 0.12 -30.50
CA ASN E 62 8.41 -0.10 -30.13
C ASN E 62 7.57 1.15 -30.38
N PHE E 63 7.95 1.92 -31.41
CA PHE E 63 7.33 3.18 -31.83
C PHE E 63 7.44 4.29 -30.80
N ARG E 64 8.25 4.09 -29.78
CA ARG E 64 8.58 5.11 -28.80
C ARG E 64 9.89 5.80 -29.21
N VAL E 65 9.94 7.13 -29.11
CA VAL E 65 11.17 7.86 -29.41
C VAL E 65 12.04 7.92 -28.15
N ILE E 66 13.23 7.30 -28.23
CA ILE E 66 14.16 7.21 -27.11
C ILE E 66 15.54 7.66 -27.57
N LEU E 67 16.44 7.81 -26.60
CA LEU E 67 17.83 8.09 -26.85
C LEU E 67 18.62 6.80 -26.64
N LYS E 68 19.48 6.47 -27.58
CA LYS E 68 20.21 5.23 -27.53
C LYS E 68 21.60 5.44 -28.10
N LYS E 69 22.60 4.77 -27.52
CA LYS E 69 23.95 4.86 -28.03
C LYS E 69 24.00 4.22 -29.41
N TYR E 70 24.76 4.84 -30.31
CA TYR E 70 24.87 4.33 -31.68
C TYR E 70 25.19 2.84 -31.69
N GLU E 71 24.53 2.12 -32.60
CA GLU E 71 24.77 0.70 -32.86
C GLU E 71 25.04 0.52 -34.34
N ASP E 72 26.08 -0.25 -34.65
CA ASP E 72 26.52 -0.43 -36.03
C ASP E 72 25.68 -1.49 -36.74
N THR E 73 24.40 -1.19 -36.88
CA THR E 73 23.48 -2.08 -37.59
C THR E 73 22.58 -1.23 -38.47
N ASP E 74 22.16 -1.82 -39.59
CA ASP E 74 21.24 -1.12 -40.50
C ASP E 74 19.96 -0.73 -39.78
N LEU E 75 19.45 -1.63 -38.93
CA LEU E 75 18.18 -1.35 -38.26
C LEU E 75 18.28 -0.15 -37.34
N PHE E 76 19.36 -0.06 -36.56
CA PHE E 76 19.53 1.13 -35.71
C PHE E 76 19.53 2.38 -36.57
N ARG E 77 20.32 2.38 -37.64
CA ARG E 77 20.42 3.56 -38.49
C ARG E 77 19.08 3.91 -39.08
N GLU E 78 18.32 2.89 -39.51
CA GLU E 78 16.99 3.14 -40.06
C GLU E 78 16.06 3.69 -38.99
N ASP E 79 16.10 3.14 -37.79
CA ASP E 79 15.29 3.64 -36.68
C ASP E 79 15.65 5.06 -36.26
N ALA E 80 16.85 5.52 -36.60
CA ALA E 80 17.35 6.81 -36.15
C ALA E 80 17.37 7.86 -37.27
N THR E 81 16.72 7.60 -38.40
CA THR E 81 16.76 8.52 -39.53
C THR E 81 15.37 9.08 -39.77
N PHE E 82 15.30 10.40 -39.99
CA PHE E 82 14.03 11.06 -40.19
C PHE E 82 14.17 12.08 -41.31
N ARG E 83 13.06 12.33 -41.99
CA ARG E 83 13.02 13.27 -43.09
C ARG E 83 12.22 14.48 -42.65
N VAL E 84 12.81 15.66 -42.79
CA VAL E 84 12.12 16.91 -42.46
C VAL E 84 11.15 17.23 -43.59
N VAL E 85 9.88 17.40 -43.25
CA VAL E 85 8.81 17.71 -44.21
C VAL E 85 8.06 18.94 -43.71
N PRO E 86 7.29 19.59 -44.57
CA PRO E 86 6.46 20.71 -44.10
C PRO E 86 5.55 20.28 -42.96
N GLY E 87 5.34 21.17 -42.00
CA GLY E 87 4.59 20.82 -40.82
C GLY E 87 3.16 20.41 -41.13
N TRP E 88 2.71 19.35 -40.46
CA TRP E 88 1.36 18.85 -40.66
C TRP E 88 0.30 19.91 -40.41
N ALA E 89 0.48 20.70 -39.36
CA ALA E 89 -0.53 21.70 -39.01
C ALA E 89 -0.15 23.09 -39.48
N ASP E 90 1.05 23.27 -40.02
CA ASP E 90 1.53 24.59 -40.42
C ASP E 90 2.70 24.38 -41.37
N GLU E 91 2.49 24.72 -42.65
CA GLU E 91 3.55 24.57 -43.64
C GLU E 91 4.73 25.51 -43.41
N ASN E 92 4.58 26.49 -42.54
CA ASN E 92 5.71 27.31 -42.13
C ASN E 92 6.54 26.65 -41.03
N MET E 93 6.09 25.54 -40.48
CA MET E 93 6.82 24.81 -39.47
C MET E 93 7.20 23.45 -40.05
N ILE E 94 7.68 22.52 -39.21
CA ILE E 94 8.23 21.26 -39.70
C ILE E 94 7.60 20.06 -39.01
N SER E 95 7.65 18.93 -39.70
CA SER E 95 7.35 17.63 -39.15
C SER E 95 8.48 16.66 -39.53
N PHE E 96 8.49 15.52 -38.85
CA PHE E 96 9.58 14.57 -38.96
C PHE E 96 9.01 13.21 -39.34
N GLN E 97 9.31 12.78 -40.56
CA GLN E 97 8.77 11.54 -41.11
C GLN E 97 9.71 10.38 -40.81
N SER E 98 9.18 9.30 -40.26
CA SER E 98 10.07 8.17 -39.97
C SER E 98 10.59 7.62 -41.28
N TYR E 99 11.85 7.26 -41.30
CA TYR E 99 12.42 6.88 -42.56
C TYR E 99 12.02 5.46 -42.97
N ASN E 100 11.91 4.53 -42.01
CA ASN E 100 11.50 3.17 -42.32
C ASN E 100 10.02 2.91 -42.07
N TYR E 101 9.31 3.87 -41.48
CA TYR E 101 7.86 3.82 -41.36
C TYR E 101 7.28 5.13 -41.91
N PRO E 102 7.19 5.25 -43.23
CA PRO E 102 6.98 6.57 -43.85
C PRO E 102 5.60 7.17 -43.60
N TYR E 103 4.66 6.43 -43.01
CA TYR E 103 3.39 7.00 -42.60
C TYR E 103 3.35 7.37 -41.13
N ARG E 104 4.48 7.22 -40.43
CA ARG E 104 4.57 7.56 -39.01
C ARG E 104 5.48 8.77 -38.86
N TYR E 105 5.11 9.66 -37.94
CA TYR E 105 5.81 10.92 -37.72
C TYR E 105 6.06 11.10 -36.23
N ILE E 106 7.13 11.83 -35.89
CA ILE E 106 7.37 12.17 -34.49
C ILE E 106 6.20 13.00 -34.01
N ARG E 107 5.55 12.57 -32.95
CA ARG E 107 4.49 13.35 -32.33
C ARG E 107 4.57 13.19 -30.83
N HIS E 108 4.07 14.18 -30.10
CA HIS E 108 3.98 14.05 -28.66
C HIS E 108 2.55 13.65 -28.26
N ARG E 109 2.46 12.88 -27.18
CA ARG E 109 1.20 12.34 -26.71
C ARG E 109 1.35 12.10 -25.22
N ASP E 110 0.53 12.76 -24.41
CA ASP E 110 0.76 12.87 -22.97
C ASP E 110 2.20 13.29 -22.69
N PHE E 111 2.74 14.16 -23.55
CA PHE E 111 4.04 14.81 -23.45
C PHE E 111 5.21 13.87 -23.72
N GLU E 112 4.97 12.62 -24.07
CA GLU E 112 6.02 11.72 -24.49
C GLU E 112 6.00 11.58 -26.01
N LEU E 113 7.15 11.22 -26.58
CA LEU E 113 7.31 11.23 -28.03
C LEU E 113 7.15 9.83 -28.59
N TYR E 114 6.44 9.74 -29.71
CA TYR E 114 6.22 8.50 -30.43
C TYR E 114 6.31 8.80 -31.92
N ILE E 115 6.46 7.75 -32.72
CA ILE E 115 6.21 7.84 -34.16
C ILE E 115 4.89 7.12 -34.43
N GLU E 116 3.91 7.88 -34.91
CA GLU E 116 2.55 7.39 -35.04
C GLU E 116 1.93 7.98 -36.30
N ASN E 117 0.85 7.34 -36.75
CA ASN E 117 0.08 7.83 -37.89
C ASN E 117 -0.61 9.15 -37.54
N ILE E 118 -0.65 10.08 -38.49
CA ILE E 118 -1.16 11.43 -38.25
C ILE E 118 -2.49 11.56 -38.99
N LYS E 119 -3.59 11.46 -38.24
CA LYS E 119 -4.94 11.37 -38.80
C LYS E 119 -5.82 12.58 -38.49
N THR E 120 -5.87 13.00 -37.23
CA THR E 120 -6.76 14.08 -36.79
C THR E 120 -6.03 15.42 -36.76
N ASP E 121 -6.81 16.47 -36.52
CA ASP E 121 -6.23 17.80 -36.37
C ASP E 121 -5.36 17.88 -35.11
N LEU E 122 -5.78 17.22 -34.04
CA LEU E 122 -4.91 17.10 -32.87
C LEU E 122 -3.62 16.37 -33.21
N ASP E 123 -3.71 15.29 -34.00
CA ASP E 123 -2.51 14.57 -34.43
C ASP E 123 -1.55 15.49 -35.15
N ARG E 124 -2.07 16.30 -36.10
CA ARG E 124 -1.21 17.15 -36.91
C ARG E 124 -0.48 18.17 -36.06
N LYS E 125 -1.19 18.77 -35.08
CA LYS E 125 -0.54 19.74 -34.20
C LYS E 125 0.52 19.08 -33.33
N ASP E 126 0.20 17.91 -32.77
CA ASP E 126 1.15 17.14 -31.97
C ASP E 126 2.40 16.75 -32.76
N ALA E 127 2.32 16.78 -34.10
CA ALA E 127 3.44 16.41 -34.95
C ALA E 127 4.14 17.61 -35.57
N THR E 128 3.77 18.83 -35.19
CA THR E 128 4.29 20.04 -35.81
C THR E 128 5.20 20.80 -34.86
N PHE E 129 6.43 21.10 -35.30
CA PHE E 129 7.44 21.72 -34.46
C PHE E 129 8.07 22.92 -35.14
N ILE E 130 8.73 23.74 -34.33
CA ILE E 130 9.52 24.88 -34.77
C ILE E 130 10.98 24.58 -34.47
N GLY E 131 11.81 24.53 -35.51
CA GLY E 131 13.24 24.35 -35.29
C GLY E 131 13.89 25.68 -34.94
N ILE E 132 14.75 25.67 -33.92
CA ILE E 132 15.40 26.89 -33.45
C ILE E 132 16.89 26.67 -33.39
N LYS E 133 17.66 27.45 -34.16
CA LYS E 133 19.11 27.35 -34.10
C LYS E 133 19.62 27.89 -32.76
N VAL E 134 20.60 27.20 -32.19
CA VAL E 134 21.19 27.58 -30.91
C VAL E 134 22.52 28.29 -31.09
N MET F 1 -3.84 -16.98 34.39
CA MET F 1 -4.85 -18.03 34.29
C MET F 1 -5.56 -18.07 32.94
N LYS F 2 -5.81 -19.29 32.48
CA LYS F 2 -6.67 -19.57 31.34
C LYS F 2 -7.87 -20.37 31.85
N PHE F 3 -8.95 -20.37 31.07
CA PHE F 3 -10.13 -21.13 31.47
C PHE F 3 -10.62 -21.96 30.30
N GLU F 4 -10.63 -23.27 30.51
CA GLU F 4 -10.97 -24.26 29.50
C GLU F 4 -12.41 -24.70 29.70
N SER F 5 -13.15 -24.82 28.61
CA SER F 5 -14.50 -25.36 28.64
C SER F 5 -14.49 -26.86 28.99
N SER F 6 -15.41 -27.27 29.86
CA SER F 6 -15.44 -28.69 30.22
C SER F 6 -16.14 -29.54 29.16
N ASN F 7 -17.12 -29.00 28.43
CA ASN F 7 -17.75 -29.81 27.39
C ASN F 7 -17.14 -29.59 26.01
N TYR F 8 -16.27 -28.59 25.85
CA TYR F 8 -15.46 -28.43 24.63
C TYR F 8 -14.00 -28.35 25.08
N ARG F 9 -13.41 -29.50 25.43
CA ARG F 9 -12.05 -29.49 25.94
C ARG F 9 -11.10 -29.00 24.87
N GLY F 10 -10.07 -28.28 25.30
CA GLY F 10 -9.18 -27.61 24.37
C GLY F 10 -9.68 -26.28 23.89
N TYR F 11 -10.94 -25.91 24.21
CA TYR F 11 -11.47 -24.59 23.93
C TYR F 11 -11.30 -23.70 25.16
N TYR F 12 -10.82 -22.48 24.96
CA TYR F 12 -10.48 -21.57 26.05
C TYR F 12 -11.26 -20.26 25.96
N ILE F 13 -11.64 -19.72 27.12
CA ILE F 13 -12.19 -18.38 27.15
C ILE F 13 -11.16 -17.44 26.56
N ARG F 14 -11.59 -16.61 25.62
CA ARG F 14 -10.68 -15.64 25.03
C ARG F 14 -11.47 -14.41 24.59
N VAL F 15 -10.73 -13.32 24.41
CA VAL F 15 -11.26 -12.08 23.86
C VAL F 15 -10.88 -12.00 22.39
N LYS F 16 -11.87 -11.71 21.54
CA LYS F 16 -11.64 -11.35 20.16
C LYS F 16 -12.47 -10.11 19.85
N SER F 17 -11.81 -9.09 19.31
CA SER F 17 -12.44 -7.79 19.03
C SER F 17 -13.22 -7.29 20.24
N PHE F 18 -12.60 -7.41 21.42
CA PHE F 18 -13.15 -6.90 22.67
C PHE F 18 -14.42 -7.63 23.09
N SER F 19 -14.62 -8.85 22.59
CA SER F 19 -15.78 -9.66 22.94
C SER F 19 -15.34 -11.04 23.43
N GLY F 20 -16.09 -11.60 24.37
CA GLY F 20 -15.74 -12.89 24.96
C GLY F 20 -16.29 -14.08 24.17
N ARG F 21 -15.44 -15.08 23.97
CA ARG F 21 -15.86 -16.33 23.33
C ARG F 21 -14.98 -17.47 23.84
N ILE F 22 -15.24 -18.69 23.35
CA ILE F 22 -14.32 -19.81 23.52
C ILE F 22 -13.85 -20.27 22.15
N ASP F 23 -12.55 -20.55 22.06
CA ASP F 23 -11.90 -21.05 20.86
C ASP F 23 -10.82 -22.04 21.25
N PRO F 24 -10.54 -23.01 20.42
CA PRO F 24 -9.31 -23.81 20.56
C PRO F 24 -8.18 -23.11 19.83
N TYR F 25 -6.96 -23.60 20.06
CA TYR F 25 -5.75 -23.07 19.42
C TYR F 25 -5.77 -21.55 19.35
N VAL F 26 -6.00 -20.91 20.50
CA VAL F 26 -6.19 -19.46 20.52
C VAL F 26 -4.99 -18.75 19.94
N ASN F 27 -5.23 -17.89 18.94
CA ASN F 27 -4.16 -17.16 18.27
C ASN F 27 -4.52 -15.69 18.20
N PRO F 28 -3.74 -14.78 18.82
CA PRO F 28 -2.55 -15.15 19.61
C PRO F 28 -2.93 -15.71 20.98
N VAL F 29 -2.04 -16.48 21.63
CA VAL F 29 -2.43 -17.21 22.82
C VAL F 29 -2.73 -16.26 23.99
N GLU F 30 -2.15 -15.07 23.98
CA GLU F 30 -2.39 -14.11 25.05
C GLU F 30 -3.85 -13.69 25.14
N ASP F 31 -4.63 -13.87 24.07
CA ASP F 31 -6.05 -13.54 24.09
C ASP F 31 -6.83 -14.38 25.10
N SER F 32 -6.30 -15.53 25.51
CA SER F 32 -6.93 -16.42 26.48
C SER F 32 -6.31 -16.29 27.87
N MET F 33 -5.38 -15.38 28.08
CA MET F 33 -4.72 -15.24 29.38
C MET F 33 -5.29 -14.05 30.13
N PHE F 34 -5.52 -14.26 31.43
CA PHE F 34 -6.11 -13.22 32.27
C PHE F 34 -5.35 -13.16 33.58
N LYS F 35 -5.26 -11.94 34.11
CA LYS F 35 -4.77 -11.71 35.47
C LYS F 35 -6.00 -11.65 36.36
N ILE F 36 -6.12 -12.63 37.25
CA ILE F 36 -7.26 -12.71 38.16
C ILE F 36 -6.93 -11.88 39.39
N VAL F 37 -7.76 -10.87 39.66
CA VAL F 37 -7.54 -9.98 40.78
C VAL F 37 -8.77 -10.08 41.67
N PRO F 38 -8.73 -9.57 42.91
CA PRO F 38 -9.94 -9.54 43.74
C PRO F 38 -11.06 -8.77 43.05
N GLY F 39 -12.29 -9.26 43.22
CA GLY F 39 -13.43 -8.68 42.57
C GLY F 39 -13.52 -7.19 42.80
N LEU F 40 -13.75 -6.42 41.73
CA LEU F 40 -13.77 -4.96 41.84
C LEU F 40 -14.86 -4.47 42.78
N ALA F 41 -15.94 -5.23 42.94
CA ALA F 41 -17.04 -4.84 43.81
C ALA F 41 -17.11 -5.67 45.09
N ASP F 42 -16.24 -6.66 45.26
CA ASP F 42 -16.28 -7.58 46.40
C ASP F 42 -14.98 -8.38 46.39
N PRO F 43 -14.12 -8.20 47.40
CA PRO F 43 -12.83 -8.90 47.38
C PRO F 43 -12.95 -10.40 47.58
N SER F 44 -14.09 -10.89 48.07
CA SER F 44 -14.30 -12.33 48.12
C SER F 44 -14.60 -12.92 46.75
N CYS F 45 -14.84 -12.08 45.75
CA CYS F 45 -15.07 -12.52 44.38
C CYS F 45 -13.81 -12.29 43.55
N ILE F 46 -13.95 -12.41 42.23
CA ILE F 46 -12.84 -12.20 41.32
C ILE F 46 -13.32 -11.31 40.17
N SER F 47 -12.33 -10.69 39.53
CA SER F 47 -12.54 -9.99 38.27
C SER F 47 -11.45 -10.46 37.31
N PHE F 48 -11.77 -10.48 36.03
CA PHE F 48 -10.85 -10.97 35.01
C PHE F 48 -10.20 -9.78 34.33
N GLU F 49 -8.92 -9.54 34.58
CA GLU F 49 -8.22 -8.44 33.95
C GLU F 49 -7.46 -8.95 32.74
N SER F 50 -7.59 -8.24 31.63
CA SER F 50 -6.92 -8.64 30.41
C SER F 50 -5.40 -8.56 30.59
N LYS F 51 -4.71 -9.59 30.13
CA LYS F 51 -3.25 -9.50 30.09
C LYS F 51 -2.78 -8.64 28.94
N THR F 52 -3.47 -8.71 27.80
CA THR F 52 -3.09 -7.88 26.66
C THR F 52 -3.39 -6.40 26.91
N TYR F 53 -4.54 -6.10 27.51
CA TYR F 53 -4.98 -4.73 27.74
C TYR F 53 -5.13 -4.51 29.24
N PRO F 54 -4.06 -4.15 29.95
CA PRO F 54 -4.21 -3.89 31.38
C PRO F 54 -5.20 -2.77 31.62
N GLY F 55 -5.95 -2.89 32.71
CA GLY F 55 -7.00 -1.92 32.96
C GLY F 55 -8.29 -2.17 32.22
N TYR F 56 -8.39 -3.26 31.46
CA TYR F 56 -9.61 -3.72 30.82
C TYR F 56 -10.06 -5.00 31.51
N TYR F 57 -11.37 -5.17 31.65
CA TYR F 57 -11.92 -6.28 32.40
C TYR F 57 -13.05 -6.95 31.62
N LEU F 58 -13.16 -8.27 31.78
CA LEU F 58 -14.38 -8.94 31.33
C LEU F 58 -15.55 -8.43 32.14
N LYS F 59 -16.64 -8.09 31.45
CA LYS F 59 -17.79 -7.56 32.16
C LYS F 59 -19.00 -7.83 31.29
N HIS F 60 -20.15 -8.01 31.93
CA HIS F 60 -21.36 -8.25 31.16
C HIS F 60 -22.08 -6.93 30.87
N GLU F 61 -22.73 -6.89 29.72
CA GLU F 61 -23.46 -5.72 29.23
C GLU F 61 -24.50 -6.25 28.28
N ASN F 62 -25.77 -5.93 28.52
CA ASN F 62 -26.89 -6.59 27.83
C ASN F 62 -26.78 -8.11 27.94
N PHE F 63 -26.22 -8.58 29.07
CA PHE F 63 -25.99 -9.98 29.41
C PHE F 63 -24.98 -10.68 28.50
N ARG F 64 -24.30 -9.93 27.64
CA ARG F 64 -23.19 -10.44 26.85
C ARG F 64 -21.89 -10.15 27.59
N VAL F 65 -20.95 -11.09 27.56
CA VAL F 65 -19.66 -10.92 28.22
C VAL F 65 -18.67 -10.31 27.24
N ILE F 66 -18.17 -9.12 27.56
CA ILE F 66 -17.31 -8.34 26.69
C ILE F 66 -16.10 -7.88 27.48
N LEU F 67 -15.09 -7.37 26.78
CA LEU F 67 -13.97 -6.69 27.40
C LEU F 67 -14.20 -5.19 27.31
N LYS F 68 -14.04 -4.49 28.43
CA LYS F 68 -14.27 -3.06 28.47
C LYS F 68 -13.25 -2.39 29.38
N LYS F 69 -12.82 -1.19 29.00
CA LYS F 69 -11.89 -0.44 29.83
C LYS F 69 -12.57 -0.07 31.15
N TYR F 70 -11.83 -0.21 32.24
CA TYR F 70 -12.34 0.11 33.58
C TYR F 70 -13.02 1.48 33.61
N GLU F 71 -14.22 1.53 34.19
CA GLU F 71 -14.92 2.77 34.48
C GLU F 71 -15.17 2.86 35.98
N ASP F 72 -14.98 4.07 36.53
CA ASP F 72 -15.08 4.30 37.98
C ASP F 72 -16.54 4.55 38.34
N THR F 73 -17.33 3.49 38.23
CA THR F 73 -18.71 3.47 38.70
C THR F 73 -18.97 2.17 39.44
N ASP F 74 -20.01 2.17 40.26
CA ASP F 74 -20.40 0.94 40.95
C ASP F 74 -20.92 -0.09 39.96
N LEU F 75 -21.67 0.35 38.95
CA LEU F 75 -22.28 -0.58 38.01
C LEU F 75 -21.21 -1.30 37.19
N PHE F 76 -20.23 -0.57 36.68
CA PHE F 76 -19.13 -1.23 35.98
C PHE F 76 -18.46 -2.25 36.89
N ARG F 77 -18.07 -1.82 38.09
CA ARG F 77 -17.37 -2.71 39.01
C ARG F 77 -18.22 -3.95 39.30
N GLU F 78 -19.52 -3.76 39.49
CA GLU F 78 -20.40 -4.90 39.74
C GLU F 78 -20.48 -5.81 38.50
N ASP F 79 -20.72 -5.20 37.32
CA ASP F 79 -20.76 -5.95 36.07
C ASP F 79 -19.48 -6.74 35.80
N ALA F 80 -18.38 -6.38 36.45
CA ALA F 80 -17.09 -7.04 36.24
C ALA F 80 -16.73 -8.00 37.36
N THR F 81 -17.65 -8.29 38.27
CA THR F 81 -17.33 -9.08 39.45
C THR F 81 -18.05 -10.41 39.39
N PHE F 82 -17.33 -11.49 39.69
CA PHE F 82 -17.89 -12.83 39.57
C PHE F 82 -17.47 -13.68 40.75
N ARG F 83 -18.38 -14.48 41.26
CA ARG F 83 -18.08 -15.39 42.37
C ARG F 83 -17.76 -16.75 41.80
N VAL F 84 -16.59 -17.28 42.13
CA VAL F 84 -16.25 -18.65 41.74
C VAL F 84 -17.05 -19.61 42.60
N VAL F 85 -17.86 -20.45 41.97
CA VAL F 85 -18.66 -21.44 42.67
C VAL F 85 -18.29 -22.82 42.11
N PRO F 86 -18.62 -23.89 42.83
CA PRO F 86 -18.41 -25.24 42.29
C PRO F 86 -19.14 -25.43 40.97
N GLY F 87 -18.48 -26.11 40.02
CA GLY F 87 -19.00 -26.29 38.67
C GLY F 87 -20.40 -26.85 38.59
N TRP F 88 -21.24 -26.24 37.75
CA TRP F 88 -22.63 -26.69 37.63
C TRP F 88 -22.72 -28.14 37.17
N ALA F 89 -21.85 -28.57 36.25
CA ALA F 89 -21.86 -29.94 35.76
C ALA F 89 -20.81 -30.82 36.41
N ASP F 90 -20.01 -30.27 37.32
CA ASP F 90 -18.91 -31.02 37.91
C ASP F 90 -18.31 -30.23 39.05
N GLU F 91 -18.54 -30.70 40.28
CA GLU F 91 -18.06 -30.01 41.47
C GLU F 91 -16.55 -29.93 41.54
N ASN F 92 -15.84 -30.76 40.78
CA ASN F 92 -14.39 -30.63 40.72
C ASN F 92 -13.93 -29.51 39.80
N MET F 93 -14.85 -28.86 39.12
CA MET F 93 -14.55 -27.73 38.25
C MET F 93 -15.25 -26.50 38.83
N ILE F 94 -15.21 -25.39 38.09
CA ILE F 94 -15.74 -24.13 38.60
C ILE F 94 -16.79 -23.56 37.63
N SER F 95 -17.66 -22.74 38.19
CA SER F 95 -18.57 -21.88 37.45
C SER F 95 -18.43 -20.47 38.00
N PHE F 96 -18.93 -19.50 37.26
CA PHE F 96 -18.73 -18.10 37.61
C PHE F 96 -20.09 -17.44 37.79
N GLN F 97 -20.42 -17.11 39.04
CA GLN F 97 -21.66 -16.42 39.35
C GLN F 97 -21.48 -14.91 39.25
N SER F 98 -22.45 -14.26 38.61
CA SER F 98 -22.40 -12.80 38.48
C SER F 98 -22.73 -12.14 39.82
N TYR F 99 -21.92 -11.15 40.21
CA TYR F 99 -22.11 -10.50 41.50
C TYR F 99 -23.47 -9.80 41.58
N ASN F 100 -23.88 -9.09 40.52
CA ASN F 100 -25.13 -8.33 40.58
C ASN F 100 -26.32 -9.06 39.98
N TYR F 101 -26.11 -10.20 39.31
CA TYR F 101 -27.20 -11.06 38.85
C TYR F 101 -26.90 -12.47 39.36
N PRO F 102 -27.26 -12.76 40.62
CA PRO F 102 -26.80 -14.01 41.25
C PRO F 102 -27.38 -15.28 40.64
N TYR F 103 -28.45 -15.19 39.85
CA TYR F 103 -29.01 -16.35 39.17
C TYR F 103 -28.48 -16.51 37.76
N ARG F 104 -27.45 -15.75 37.38
CA ARG F 104 -26.87 -15.83 36.06
C ARG F 104 -25.38 -16.13 36.18
N TYR F 105 -24.90 -17.00 35.30
CA TYR F 105 -23.53 -17.47 35.30
C TYR F 105 -22.93 -17.32 33.90
N ILE F 106 -21.61 -17.15 33.84
CA ILE F 106 -20.92 -17.16 32.56
C ILE F 106 -21.12 -18.52 31.90
N ARG F 107 -21.61 -18.49 30.66
CA ARG F 107 -21.76 -19.70 29.86
C ARG F 107 -21.48 -19.37 28.40
N HIS F 108 -21.04 -20.38 27.65
CA HIS F 108 -20.91 -20.21 26.21
C HIS F 108 -22.14 -20.76 25.49
N ARG F 109 -22.46 -20.14 24.36
CA ARG F 109 -23.61 -20.50 23.54
C ARG F 109 -23.29 -20.05 22.12
N ASP F 110 -23.26 -20.99 21.18
CA ASP F 110 -22.65 -20.78 19.86
C ASP F 110 -21.27 -20.14 20.01
N PHE F 111 -20.53 -20.61 21.02
CA PHE F 111 -19.13 -20.27 21.28
C PHE F 111 -18.91 -18.83 21.73
N GLU F 112 -19.95 -18.04 21.94
CA GLU F 112 -19.84 -16.72 22.55
C GLU F 112 -20.32 -16.74 23.98
N LEU F 113 -19.83 -15.81 24.80
CA LEU F 113 -20.04 -15.85 26.24
C LEU F 113 -21.16 -14.89 26.66
N TYR F 114 -22.00 -15.36 27.58
CA TYR F 114 -23.11 -14.61 28.15
C TYR F 114 -23.15 -14.91 29.64
N ILE F 115 -23.93 -14.13 30.39
CA ILE F 115 -24.37 -14.54 31.74
C ILE F 115 -25.85 -14.85 31.66
N GLU F 116 -26.21 -16.11 31.93
CA GLU F 116 -27.57 -16.57 31.70
C GLU F 116 -27.99 -17.55 32.79
N ASN F 117 -29.30 -17.81 32.84
CA ASN F 117 -29.87 -18.78 33.76
C ASN F 117 -29.47 -20.19 33.35
N ILE F 118 -29.09 -21.00 34.34
CA ILE F 118 -28.54 -22.33 34.11
C ILE F 118 -29.61 -23.34 34.51
N LYS F 119 -30.34 -23.86 33.52
CA LYS F 119 -31.54 -24.67 33.73
C LYS F 119 -31.36 -26.13 33.35
N THR F 120 -30.82 -26.40 32.17
CA THR F 120 -30.72 -27.75 31.65
C THR F 120 -29.31 -28.32 31.80
N ASP F 121 -29.15 -29.59 31.41
CA ASP F 121 -27.87 -30.25 31.49
C ASP F 121 -26.85 -29.61 30.54
N LEU F 122 -27.30 -29.19 29.36
CA LEU F 122 -26.44 -28.43 28.47
C LEU F 122 -26.03 -27.10 29.10
N ASP F 123 -26.99 -26.38 29.69
CA ASP F 123 -26.68 -25.15 30.40
C ASP F 123 -25.54 -25.36 31.39
N ARG F 124 -25.66 -26.39 32.23
CA ARG F 124 -24.65 -26.62 33.26
C ARG F 124 -23.28 -26.87 32.64
N LYS F 125 -23.22 -27.69 31.59
CA LYS F 125 -21.93 -27.98 30.98
C LYS F 125 -21.35 -26.75 30.30
N ASP F 126 -22.21 -25.94 29.67
CA ASP F 126 -21.78 -24.70 29.03
C ASP F 126 -21.27 -23.69 30.04
N ALA F 127 -21.65 -23.84 31.31
CA ALA F 127 -21.26 -22.94 32.39
C ALA F 127 -20.18 -23.52 33.27
N THR F 128 -19.54 -24.61 32.87
CA THR F 128 -18.55 -25.29 33.68
C THR F 128 -17.19 -25.24 33.01
N PHE F 129 -16.19 -24.76 33.73
CA PHE F 129 -14.87 -24.48 33.20
C PHE F 129 -13.82 -25.06 34.11
N ILE F 130 -12.60 -25.11 33.59
CA ILE F 130 -11.41 -25.59 34.30
C ILE F 130 -10.41 -24.44 34.35
N GLY F 131 -9.99 -24.08 35.56
CA GLY F 131 -9.02 -23.01 35.69
C GLY F 131 -7.60 -23.54 35.62
N ILE F 132 -6.80 -23.01 34.69
CA ILE F 132 -5.42 -23.44 34.50
C ILE F 132 -4.49 -22.27 34.80
N LYS F 133 -3.56 -22.47 35.74
CA LYS F 133 -2.55 -21.47 36.02
C LYS F 133 -1.47 -21.49 34.95
N VAL F 134 -0.99 -20.30 34.57
CA VAL F 134 0.11 -20.19 33.61
C VAL F 134 1.23 -19.31 34.15
#